data_7DWA
#
_entry.id   7DWA
#
_cell.length_a   56.114
_cell.length_b   109.150
_cell.length_c   150.656
_cell.angle_alpha   90.000
_cell.angle_beta   90.000
_cell.angle_gamma   90.000
#
_symmetry.space_group_name_H-M   'P 2 21 21'
#
loop_
_entity.id
_entity.type
_entity.pdbx_description
1 polymer Endo-beta-1,4-mannanase
2 branched beta-D-mannopyranose-(1-4)-beta-D-mannopyranose-(1-4)-alpha-D-mannopyranose
3 water water
#
_entity_poly.entity_id   1
_entity_poly.type   'polypeptide(L)'
_entity_poly.pdbx_seq_one_letter_code
;MGSSHHHHHHSSGLVPRGSHMASMTGGQQMGRGSMDYIKGMTWGWIGNSEDWRSNEAERSMEEMTNLAINWTAIAFQGLQ
ETAHSPDITFAEPPMVTDENVRWAIAKAKSLGLSVILKPIVNVRDGTWRAHINFFDKDVPCEPTWSQWFKSYESFMLHYA
KLAEDTGCEMLCIGCAMVQTERREKEWRDLIQKVRQVYSGIITYNCDKYQEDEVTWWDAVDVMSSSGYYPIGSWEHHESR
IKKIVESWQKPFFFMEAGCPSRLESGSVPYDWNKNRGQIDMDEQRVFYEEMFKFFHGQKWFYGFMLWDWPAKLYRLEDAS
ENDDYCVYGKPAAEVIKSFFTSNKIAKR
;
_entity_poly.pdbx_strand_id   A,B
#
# COMPACT_ATOMS: atom_id res chain seq x y z
N MET A 35 -16.97 -2.26 -33.84
CA MET A 35 -17.09 -1.53 -32.52
C MET A 35 -17.57 -0.08 -32.80
N ASP A 36 -18.60 0.37 -32.10
CA ASP A 36 -19.17 1.73 -32.24
C ASP A 36 -18.07 2.75 -31.97
N TYR A 37 -18.21 3.95 -32.51
CA TYR A 37 -17.48 5.12 -32.01
C TYR A 37 -18.28 5.69 -30.86
N ILE A 38 -17.66 5.75 -29.70
CA ILE A 38 -18.31 6.16 -28.43
C ILE A 38 -18.30 7.67 -28.33
N LYS A 39 -19.49 8.26 -28.26
CA LYS A 39 -19.68 9.68 -27.88
C LYS A 39 -20.43 9.69 -26.56
N GLY A 40 -19.70 9.70 -25.47
CA GLY A 40 -20.26 9.33 -24.17
C GLY A 40 -20.08 10.35 -23.10
N MET A 41 -20.95 10.28 -22.11
CA MET A 41 -20.77 10.97 -20.82
C MET A 41 -21.06 10.01 -19.69
N THR A 42 -20.22 10.01 -18.67
CA THR A 42 -20.42 9.20 -17.45
C THR A 42 -21.54 9.85 -16.64
N TRP A 43 -22.48 9.05 -16.14
CA TRP A 43 -23.60 9.54 -15.31
C TRP A 43 -23.64 8.82 -13.96
N GLY A 44 -23.97 9.54 -12.88
CA GLY A 44 -24.43 8.96 -11.62
C GLY A 44 -23.36 8.89 -10.54
N TRP A 45 -22.09 9.12 -10.88
CA TRP A 45 -21.02 9.05 -9.87
C TRP A 45 -21.29 10.04 -8.73
N ILE A 46 -21.15 9.66 -7.44
CA ILE A 46 -20.45 8.48 -6.94
C ILE A 46 -21.37 7.27 -6.77
N GLY A 47 -22.66 7.39 -7.02
CA GLY A 47 -23.59 6.25 -6.87
C GLY A 47 -24.18 6.25 -5.48
N ASN A 48 -25.10 7.16 -5.26
CA ASN A 48 -25.80 7.35 -3.96
C ASN A 48 -27.28 7.10 -4.19
N SER A 49 -27.82 6.04 -3.58
CA SER A 49 -29.23 5.62 -3.79
C SER A 49 -30.18 6.82 -3.67
N GLU A 50 -30.07 7.58 -2.58
CA GLU A 50 -30.95 8.76 -2.33
C GLU A 50 -30.88 9.74 -3.51
N ASP A 51 -29.69 9.98 -4.06
CA ASP A 51 -29.57 10.92 -5.21
C ASP A 51 -30.23 10.31 -6.44
N TRP A 52 -30.03 9.02 -6.70
CA TRP A 52 -30.55 8.38 -7.92
C TRP A 52 -32.09 8.26 -7.83
N ARG A 53 -32.65 8.18 -6.64
CA ARG A 53 -34.13 8.05 -6.54
C ARG A 53 -34.78 9.44 -6.49
N SER A 54 -34.04 10.52 -6.45
CA SER A 54 -34.61 11.88 -6.45
C SER A 54 -35.30 12.14 -7.81
N ASN A 55 -36.35 12.98 -7.81
CA ASN A 55 -36.97 13.47 -9.07
C ASN A 55 -35.88 14.06 -9.96
N GLU A 56 -34.88 14.68 -9.34
CA GLU A 56 -33.81 15.42 -10.03
C GLU A 56 -33.04 14.48 -10.96
N ALA A 57 -32.94 13.19 -10.63
CA ALA A 57 -32.07 12.26 -11.40
C ALA A 57 -32.57 12.13 -12.84
N GLU A 58 -33.87 11.99 -13.04
CA GLU A 58 -34.43 11.81 -14.40
C GLU A 58 -34.10 13.09 -15.20
N ARG A 59 -34.31 14.24 -14.60
CA ARG A 59 -34.08 15.54 -15.29
C ARG A 59 -32.60 15.67 -15.66
N SER A 60 -31.74 15.24 -14.76
CA SER A 60 -30.28 15.30 -15.00
C SER A 60 -29.93 14.47 -16.23
N MET A 61 -30.39 13.24 -16.28
CA MET A 61 -30.06 12.34 -17.39
C MET A 61 -30.65 12.88 -18.70
N GLU A 62 -31.88 13.41 -18.69
CA GLU A 62 -32.45 14.02 -19.91
C GLU A 62 -31.56 15.19 -20.37
N GLU A 63 -31.13 16.05 -19.48
CA GLU A 63 -30.33 17.22 -19.86
C GLU A 63 -28.98 16.76 -20.48
N MET A 64 -28.45 15.66 -19.98
CA MET A 64 -27.15 15.13 -20.47
C MET A 64 -27.24 14.80 -21.95
N THR A 65 -28.42 14.41 -22.46
CA THR A 65 -28.59 14.02 -23.87
C THR A 65 -28.32 15.21 -24.80
N ASN A 66 -28.42 16.43 -24.31
CA ASN A 66 -28.18 17.64 -25.14
C ASN A 66 -26.70 17.75 -25.49
N LEU A 67 -25.82 16.91 -24.90
CA LEU A 67 -24.42 16.86 -25.35
C LEU A 67 -24.26 16.16 -26.71
N ALA A 68 -25.33 15.58 -27.27
CA ALA A 68 -25.33 14.81 -28.54
C ALA A 68 -24.50 13.53 -28.38
N ILE A 69 -24.46 13.03 -27.16
CA ILE A 69 -23.94 11.68 -26.86
C ILE A 69 -24.82 10.58 -27.48
N ASN A 70 -24.22 9.42 -27.71
CA ASN A 70 -24.98 8.20 -28.07
C ASN A 70 -24.68 7.09 -27.06
N TRP A 71 -23.83 7.35 -26.08
CA TRP A 71 -23.49 6.37 -25.01
C TRP A 71 -23.50 7.07 -23.65
N THR A 72 -23.73 6.30 -22.60
CA THR A 72 -23.44 6.73 -21.23
C THR A 72 -22.81 5.57 -20.48
N ALA A 73 -21.91 5.92 -19.58
CA ALA A 73 -21.39 4.97 -18.59
C ALA A 73 -22.13 5.22 -17.29
N ILE A 74 -22.87 4.24 -16.82
CA ILE A 74 -23.57 4.30 -15.53
C ILE A 74 -22.55 3.88 -14.47
N ALA A 75 -22.09 4.82 -13.67
CA ALA A 75 -20.92 4.63 -12.79
C ALA A 75 -21.35 4.75 -11.35
N PHE A 76 -20.82 3.88 -10.49
CA PHE A 76 -21.25 3.86 -9.08
C PHE A 76 -20.21 3.09 -8.30
N GLN A 77 -20.14 3.36 -7.01
CA GLN A 77 -19.10 2.73 -6.16
C GLN A 77 -19.58 1.48 -5.42
N GLY A 78 -18.64 0.56 -5.23
CA GLY A 78 -18.59 -0.39 -4.12
C GLY A 78 -17.52 0.06 -3.15
N LEU A 79 -17.42 -0.54 -1.97
CA LEU A 79 -16.51 -0.04 -0.93
C LEU A 79 -15.79 -1.18 -0.24
N GLN A 80 -14.50 -0.97 -0.01
CA GLN A 80 -13.71 -1.77 0.95
C GLN A 80 -13.12 -0.82 2.00
N GLU A 81 -12.78 -1.31 3.19
CA GLU A 81 -12.43 -0.41 4.31
C GLU A 81 -11.10 0.29 4.06
N THR A 82 -10.06 -0.49 3.69
CA THR A 82 -8.69 0.00 3.49
C THR A 82 -8.19 -0.60 2.16
N ALA A 83 -7.03 -0.13 1.73
CA ALA A 83 -6.38 -0.59 0.50
C ALA A 83 -5.90 -2.02 0.66
N HIS A 84 -5.84 -2.57 1.88
CA HIS A 84 -5.29 -3.92 2.15
C HIS A 84 -6.32 -4.78 2.87
N SER A 85 -7.61 -4.49 2.72
CA SER A 85 -8.66 -5.35 3.27
C SER A 85 -9.35 -6.09 2.16
N PRO A 86 -9.73 -7.36 2.38
CA PRO A 86 -10.19 -8.20 1.29
C PRO A 86 -11.69 -8.11 0.96
N ASP A 87 -12.51 -7.45 1.80
CA ASP A 87 -13.98 -7.53 1.66
C ASP A 87 -14.53 -6.27 1.02
N ILE A 88 -15.25 -6.47 -0.08
CA ILE A 88 -15.97 -5.37 -0.81
C ILE A 88 -17.45 -5.47 -0.50
N THR A 89 -18.03 -4.35 -0.07
CA THR A 89 -19.48 -4.19 0.20
C THR A 89 -20.08 -3.50 -1.03
N PHE A 90 -21.30 -3.86 -1.40
CA PHE A 90 -21.98 -3.17 -2.51
C PHE A 90 -23.48 -3.26 -2.27
N ALA A 91 -24.24 -2.37 -2.90
CA ALA A 91 -25.72 -2.47 -2.96
C ALA A 91 -26.27 -2.50 -1.54
N GLU A 92 -25.67 -1.74 -0.66
CA GLU A 92 -26.09 -1.49 0.74
C GLU A 92 -26.01 0.01 0.95
N PRO A 93 -26.87 0.60 1.81
CA PRO A 93 -26.85 2.04 2.01
C PRO A 93 -25.46 2.51 2.38
N PRO A 94 -24.96 3.60 1.78
CA PRO A 94 -25.73 4.51 0.92
C PRO A 94 -25.62 4.28 -0.59
N MET A 95 -25.07 3.14 -0.94
CA MET A 95 -24.74 2.77 -2.35
C MET A 95 -26.02 2.43 -3.11
N VAL A 96 -25.93 2.42 -4.43
CA VAL A 96 -27.12 2.21 -5.31
C VAL A 96 -27.73 0.83 -5.10
N THR A 97 -29.06 0.78 -5.05
CA THR A 97 -29.78 -0.51 -5.07
C THR A 97 -29.74 -1.07 -6.49
N ASP A 98 -29.98 -2.37 -6.61
CA ASP A 98 -30.13 -3.01 -7.93
C ASP A 98 -31.27 -2.34 -8.71
N GLU A 99 -32.35 -1.96 -8.01
CA GLU A 99 -33.49 -1.28 -8.65
C GLU A 99 -33.01 0.07 -9.23
N ASN A 100 -32.20 0.81 -8.47
CA ASN A 100 -31.64 2.10 -8.94
C ASN A 100 -30.83 1.89 -10.23
N VAL A 101 -30.05 0.82 -10.27
CA VAL A 101 -29.18 0.56 -11.44
C VAL A 101 -30.03 0.12 -12.62
N ARG A 102 -31.04 -0.74 -12.41
CA ARG A 102 -31.97 -1.10 -13.51
C ARG A 102 -32.65 0.17 -14.02
N TRP A 103 -33.01 1.09 -13.14
CA TRP A 103 -33.70 2.34 -13.53
C TRP A 103 -32.75 3.15 -14.45
N ALA A 104 -31.49 3.34 -14.03
CA ALA A 104 -30.58 4.23 -14.77
C ALA A 104 -30.32 3.64 -16.16
N ILE A 105 -30.13 2.32 -16.24
CA ILE A 105 -29.85 1.63 -17.51
C ILE A 105 -31.06 1.81 -18.43
N ALA A 106 -32.26 1.48 -17.94
CA ALA A 106 -33.48 1.55 -18.76
C ALA A 106 -33.77 3.01 -19.15
N LYS A 107 -33.61 3.96 -18.25
CA LYS A 107 -33.84 5.38 -18.58
C LYS A 107 -32.88 5.77 -19.71
N ALA A 108 -31.59 5.48 -19.55
CA ALA A 108 -30.62 5.82 -20.59
C ALA A 108 -31.04 5.20 -21.92
N LYS A 109 -31.41 3.94 -21.93
CA LYS A 109 -31.80 3.26 -23.19
C LYS A 109 -33.09 3.89 -23.75
N SER A 110 -33.99 4.29 -22.89
CA SER A 110 -35.25 4.98 -23.30
C SER A 110 -34.92 6.31 -23.97
N LEU A 111 -33.75 6.85 -23.71
CA LEU A 111 -33.27 8.12 -24.29
C LEU A 111 -32.44 7.86 -25.55
N GLY A 112 -32.32 6.60 -25.97
CA GLY A 112 -31.63 6.23 -27.22
C GLY A 112 -30.15 6.01 -27.01
N LEU A 113 -29.70 5.88 -25.76
CA LEU A 113 -28.26 5.74 -25.45
C LEU A 113 -27.92 4.25 -25.32
N SER A 114 -26.75 3.89 -25.80
CA SER A 114 -26.09 2.63 -25.41
C SER A 114 -25.45 2.82 -24.04
N VAL A 115 -25.29 1.72 -23.31
CA VAL A 115 -24.86 1.76 -21.88
C VAL A 115 -23.58 0.95 -21.68
N ILE A 116 -22.63 1.59 -21.00
CA ILE A 116 -21.50 0.90 -20.34
C ILE A 116 -21.80 0.83 -18.85
N LEU A 117 -21.87 -0.36 -18.28
CA LEU A 117 -22.05 -0.43 -16.80
C LEU A 117 -20.66 -0.37 -16.17
N LYS A 118 -20.48 0.49 -15.18
CA LYS A 118 -19.15 0.75 -14.60
C LYS A 118 -19.20 0.70 -13.09
N PRO A 119 -19.14 -0.51 -12.48
CA PRO A 119 -18.99 -0.64 -11.03
C PRO A 119 -17.54 -0.36 -10.65
N ILE A 120 -17.31 0.54 -9.72
CA ILE A 120 -15.95 0.96 -9.34
C ILE A 120 -15.77 0.74 -7.85
N VAL A 121 -14.71 0.05 -7.44
CA VAL A 121 -14.41 -0.08 -5.99
C VAL A 121 -13.66 1.16 -5.51
N ASN A 122 -14.12 1.72 -4.41
CA ASN A 122 -13.45 2.78 -3.67
C ASN A 122 -13.07 2.26 -2.28
N VAL A 123 -12.22 3.00 -1.60
CA VAL A 123 -11.73 2.66 -0.25
C VAL A 123 -12.29 3.67 0.73
N ARG A 124 -12.92 3.19 1.81
CA ARG A 124 -13.65 4.04 2.78
C ARG A 124 -12.70 5.06 3.42
N ASP A 125 -11.44 4.71 3.64
CA ASP A 125 -10.44 5.59 4.28
C ASP A 125 -9.91 6.64 3.33
N GLY A 126 -10.37 6.66 2.06
CA GLY A 126 -10.05 7.71 1.07
C GLY A 126 -8.84 7.37 0.22
N THR A 127 -8.19 6.23 0.44
CA THR A 127 -7.01 5.84 -0.35
C THR A 127 -7.45 5.64 -1.80
N TRP A 128 -6.71 6.22 -2.74
CA TRP A 128 -6.88 6.00 -4.20
C TRP A 128 -6.83 4.50 -4.52
N ARG A 129 -7.81 3.98 -5.26
CA ARG A 129 -7.99 2.53 -5.45
C ARG A 129 -6.79 1.90 -6.18
N ALA A 130 -5.98 2.68 -6.89
CA ALA A 130 -4.77 2.18 -7.60
C ALA A 130 -3.79 1.57 -6.57
N HIS A 131 -3.93 1.89 -5.30
CA HIS A 131 -3.01 1.36 -4.25
C HIS A 131 -3.53 0.09 -3.61
N ILE A 132 -4.74 -0.36 -3.92
CA ILE A 132 -5.25 -1.67 -3.42
C ILE A 132 -4.24 -2.74 -3.78
N ASN A 133 -3.81 -3.50 -2.77
CA ASN A 133 -2.62 -4.36 -2.96
C ASN A 133 -2.49 -5.32 -1.78
N PHE A 134 -1.87 -6.44 -2.06
CA PHE A 134 -1.61 -7.52 -1.09
C PHE A 134 -0.20 -8.04 -1.36
N PHE A 135 0.35 -8.74 -0.37
CA PHE A 135 1.67 -9.37 -0.57
C PHE A 135 1.64 -10.34 -1.75
N ASP A 136 2.73 -10.43 -2.46
CA ASP A 136 2.89 -11.33 -3.63
C ASP A 136 2.77 -12.79 -3.16
N LYS A 137 3.35 -13.06 -1.99
CA LYS A 137 3.44 -14.39 -1.32
C LYS A 137 2.36 -14.46 -0.25
N ASP A 138 1.51 -15.48 -0.29
CA ASP A 138 0.50 -15.72 0.76
C ASP A 138 1.21 -16.02 2.06
N VAL A 139 0.83 -15.31 3.12
CA VAL A 139 1.30 -15.59 4.48
C VAL A 139 0.11 -15.70 5.41
N PRO A 140 0.24 -16.51 6.49
CA PRO A 140 -0.87 -16.77 7.40
C PRO A 140 -1.37 -15.56 8.17
N CYS A 141 -0.58 -14.51 8.23
CA CYS A 141 -0.79 -13.34 9.11
C CYS A 141 -1.44 -12.18 8.35
N GLU A 142 -1.69 -12.33 7.04
CA GLU A 142 -2.24 -11.22 6.24
C GLU A 142 -3.38 -11.76 5.38
N PRO A 143 -4.32 -10.89 4.99
CA PRO A 143 -5.24 -11.27 3.93
C PRO A 143 -4.48 -11.48 2.62
N THR A 144 -5.08 -12.29 1.78
CA THR A 144 -4.47 -12.78 0.56
C THR A 144 -5.15 -12.16 -0.68
N TRP A 145 -4.41 -12.20 -1.76
CA TRP A 145 -4.96 -11.92 -3.11
C TRP A 145 -6.16 -12.80 -3.35
N SER A 146 -6.12 -14.10 -3.01
CA SER A 146 -7.28 -14.96 -3.35
C SER A 146 -8.53 -14.50 -2.60
N GLN A 147 -8.38 -14.00 -1.38
CA GLN A 147 -9.52 -13.47 -0.58
C GLN A 147 -10.07 -12.22 -1.28
N TRP A 148 -9.19 -11.29 -1.63
CA TRP A 148 -9.69 -10.04 -2.26
C TRP A 148 -10.35 -10.39 -3.59
N PHE A 149 -9.71 -11.24 -4.43
CA PHE A 149 -10.27 -11.53 -5.77
C PHE A 149 -11.60 -12.27 -5.62
N LYS A 150 -11.78 -13.11 -4.60
CA LYS A 150 -13.09 -13.74 -4.40
C LYS A 150 -14.13 -12.65 -4.13
N SER A 151 -13.80 -11.66 -3.30
CA SER A 151 -14.75 -10.57 -2.99
C SER A 151 -14.99 -9.72 -4.25
N TYR A 152 -13.95 -9.41 -4.99
CA TYR A 152 -14.06 -8.58 -6.21
C TYR A 152 -14.87 -9.34 -7.25
N GLU A 153 -14.66 -10.65 -7.37
CA GLU A 153 -15.47 -11.50 -8.25
C GLU A 153 -16.95 -11.39 -7.85
N SER A 154 -17.24 -11.48 -6.56
CA SER A 154 -18.65 -11.45 -6.14
C SER A 154 -19.28 -10.12 -6.59
N PHE A 155 -18.54 -9.04 -6.37
CA PHE A 155 -19.00 -7.68 -6.75
C PHE A 155 -19.21 -7.58 -8.26
N MET A 156 -18.19 -7.95 -9.01
CA MET A 156 -18.23 -7.75 -10.47
C MET A 156 -19.20 -8.74 -11.11
N LEU A 157 -19.30 -9.96 -10.61
CA LEU A 157 -20.25 -10.92 -11.23
C LEU A 157 -21.68 -10.52 -10.90
N HIS A 158 -21.95 -9.96 -9.72
CA HIS A 158 -23.27 -9.39 -9.39
C HIS A 158 -23.67 -8.44 -10.51
N TYR A 159 -22.79 -7.50 -10.84
CA TYR A 159 -23.13 -6.44 -11.83
C TYR A 159 -23.05 -6.97 -13.25
N ALA A 160 -22.23 -8.00 -13.52
CA ALA A 160 -22.19 -8.61 -14.87
C ALA A 160 -23.57 -9.26 -15.14
N LYS A 161 -24.12 -9.93 -14.14
CA LYS A 161 -25.45 -10.57 -14.28
C LYS A 161 -26.49 -9.47 -14.51
N LEU A 162 -26.43 -8.39 -13.77
CA LEU A 162 -27.37 -7.27 -13.95
C LEU A 162 -27.16 -6.65 -15.36
N ALA A 163 -25.91 -6.55 -15.84
CA ALA A 163 -25.63 -6.02 -17.19
C ALA A 163 -26.30 -6.91 -18.24
N GLU A 164 -26.22 -8.22 -18.05
CA GLU A 164 -26.84 -9.20 -18.97
C GLU A 164 -28.37 -9.01 -18.95
N ASP A 165 -28.95 -9.04 -17.78
CA ASP A 165 -30.43 -9.02 -17.57
C ASP A 165 -30.98 -7.73 -18.20
N THR A 166 -30.23 -6.63 -18.15
CA THR A 166 -30.73 -5.28 -18.58
C THR A 166 -30.31 -4.97 -20.02
N GLY A 167 -29.49 -5.80 -20.66
CA GLY A 167 -29.03 -5.61 -22.03
C GLY A 167 -28.02 -4.49 -22.17
N CYS A 168 -27.20 -4.24 -21.15
CA CYS A 168 -26.06 -3.30 -21.30
C CYS A 168 -25.16 -3.74 -22.45
N GLU A 169 -24.82 -2.81 -23.32
CA GLU A 169 -23.97 -3.06 -24.49
C GLU A 169 -22.55 -3.40 -24.03
N MET A 170 -22.11 -2.82 -22.92
CA MET A 170 -20.72 -2.98 -22.49
C MET A 170 -20.64 -3.06 -20.97
N LEU A 171 -19.64 -3.77 -20.46
CA LEU A 171 -19.31 -3.82 -19.02
C LEU A 171 -17.85 -3.43 -18.89
N CYS A 172 -17.58 -2.51 -17.98
CA CYS A 172 -16.20 -2.15 -17.60
C CYS A 172 -15.83 -2.90 -16.32
N ILE A 173 -14.90 -3.82 -16.40
CA ILE A 173 -14.62 -4.79 -15.29
C ILE A 173 -13.64 -4.22 -14.28
N GLY A 174 -13.16 -3.01 -14.45
CA GLY A 174 -12.36 -2.32 -13.43
C GLY A 174 -11.86 -1.00 -13.92
N CYS A 175 -11.34 -0.21 -13.00
CA CYS A 175 -10.92 1.18 -13.27
C CYS A 175 -9.67 1.50 -12.45
N ALA A 176 -8.51 1.59 -13.12
CA ALA A 176 -7.25 2.13 -12.55
C ALA A 176 -6.85 1.29 -11.31
N MET A 177 -7.03 -0.01 -11.41
CA MET A 177 -6.63 -0.97 -10.33
C MET A 177 -5.14 -1.32 -10.51
N VAL A 178 -4.30 -0.31 -10.47
CA VAL A 178 -2.89 -0.40 -10.93
C VAL A 178 -2.17 -1.53 -10.19
N GLN A 179 -2.24 -1.52 -8.85
CA GLN A 179 -1.45 -2.48 -8.04
C GLN A 179 -2.16 -3.83 -7.96
N THR A 180 -3.20 -4.10 -8.75
CA THR A 180 -3.71 -5.46 -8.96
C THR A 180 -3.33 -6.03 -10.33
N GLU A 181 -2.92 -5.19 -11.25
CA GLU A 181 -2.86 -5.58 -12.68
C GLU A 181 -1.79 -6.66 -12.89
N ARG A 182 -0.80 -6.75 -12.03
CA ARG A 182 0.23 -7.81 -12.16
C ARG A 182 -0.36 -9.18 -11.85
N ARG A 183 -1.54 -9.27 -11.23
CA ARG A 183 -2.17 -10.54 -10.82
C ARG A 183 -2.91 -11.10 -12.05
N GLU A 184 -2.14 -11.48 -13.03
CA GLU A 184 -2.66 -11.78 -14.38
C GLU A 184 -3.54 -13.02 -14.32
N LYS A 185 -3.10 -14.10 -13.66
CA LYS A 185 -3.93 -15.31 -13.62
C LYS A 185 -5.30 -14.97 -13.02
N GLU A 186 -5.30 -14.22 -11.93
CA GLU A 186 -6.56 -13.90 -11.22
C GLU A 186 -7.44 -13.00 -12.10
N TRP A 187 -6.88 -12.07 -12.84
CA TRP A 187 -7.70 -11.20 -13.75
C TRP A 187 -8.28 -12.09 -14.85
N ARG A 188 -7.48 -12.99 -15.42
CA ARG A 188 -7.99 -13.87 -16.50
C ARG A 188 -9.06 -14.80 -15.93
N ASP A 189 -8.89 -15.33 -14.73
CA ASP A 189 -9.90 -16.21 -14.09
C ASP A 189 -11.21 -15.43 -13.92
N LEU A 190 -11.15 -14.17 -13.46
CA LEU A 190 -12.35 -13.32 -13.25
C LEU A 190 -13.02 -13.12 -14.61
N ILE A 191 -12.25 -12.82 -15.63
CA ILE A 191 -12.82 -12.53 -16.97
C ILE A 191 -13.51 -13.79 -17.51
N GLN A 192 -12.96 -14.97 -17.28
CA GLN A 192 -13.64 -16.21 -17.70
C GLN A 192 -14.99 -16.33 -17.02
N LYS A 193 -15.08 -16.00 -15.74
CA LYS A 193 -16.35 -16.08 -15.00
C LYS A 193 -17.33 -15.02 -15.54
N VAL A 194 -16.84 -13.82 -15.84
CA VAL A 194 -17.70 -12.74 -16.40
C VAL A 194 -18.25 -13.19 -17.77
N ARG A 195 -17.42 -13.82 -18.61
CA ARG A 195 -17.88 -14.27 -19.95
C ARG A 195 -19.00 -15.30 -19.79
N GLN A 196 -19.01 -16.08 -18.71
CA GLN A 196 -20.04 -17.14 -18.53
C GLN A 196 -21.40 -16.50 -18.26
N VAL A 197 -21.43 -15.28 -17.75
CA VAL A 197 -22.72 -14.67 -17.30
C VAL A 197 -23.08 -13.45 -18.14
N TYR A 198 -22.15 -12.91 -18.91
CA TYR A 198 -22.36 -11.63 -19.64
C TYR A 198 -21.85 -11.78 -21.05
N SER A 199 -22.73 -11.56 -22.03
CA SER A 199 -22.44 -11.85 -23.47
C SER A 199 -22.12 -10.57 -24.23
N GLY A 200 -22.04 -9.42 -23.56
CA GLY A 200 -21.78 -8.15 -24.24
C GLY A 200 -20.28 -7.83 -24.35
N ILE A 201 -19.96 -6.59 -24.66
CA ILE A 201 -18.57 -6.15 -24.86
C ILE A 201 -17.94 -5.93 -23.48
N ILE A 202 -16.73 -6.44 -23.27
CA ILE A 202 -15.98 -6.21 -22.00
C ILE A 202 -14.83 -5.26 -22.29
N THR A 203 -14.65 -4.29 -21.42
CA THR A 203 -13.43 -3.46 -21.38
C THR A 203 -12.88 -3.44 -19.97
N TYR A 204 -11.60 -3.13 -19.86
CA TYR A 204 -10.96 -2.75 -18.59
C TYR A 204 -10.39 -1.36 -18.81
N ASN A 205 -10.61 -0.46 -17.86
CA ASN A 205 -10.12 0.94 -17.90
C ASN A 205 -8.81 1.03 -17.13
N CYS A 206 -7.69 1.08 -17.83
CA CYS A 206 -6.39 1.26 -17.13
C CYS A 206 -6.24 2.73 -16.76
N ASP A 207 -5.36 3.02 -15.83
CA ASP A 207 -5.12 4.41 -15.44
C ASP A 207 -4.32 5.18 -16.50
N LYS A 208 -4.40 6.50 -16.40
CA LYS A 208 -3.52 7.40 -17.16
C LYS A 208 -2.06 6.84 -17.14
N TYR A 209 -1.43 6.86 -18.30
CA TYR A 209 0.00 6.51 -18.54
C TYR A 209 0.21 5.00 -18.52
N GLN A 210 -0.84 4.18 -18.33
CA GLN A 210 -0.65 2.72 -18.11
C GLN A 210 -1.05 1.88 -19.33
N GLU A 211 -1.28 2.46 -20.50
CA GLU A 211 -1.83 1.72 -21.65
C GLU A 211 -0.90 0.55 -22.02
N ASP A 212 0.41 0.72 -21.85
CA ASP A 212 1.39 -0.30 -22.30
C ASP A 212 1.72 -1.26 -21.18
N GLU A 213 1.08 -1.17 -20.02
CA GLU A 213 1.49 -1.85 -18.77
C GLU A 213 0.55 -3.01 -18.42
N VAL A 214 -0.49 -3.26 -19.18
CA VAL A 214 -1.43 -4.38 -18.91
C VAL A 214 -1.05 -5.53 -19.83
N THR A 215 -0.70 -6.69 -19.27
CA THR A 215 -0.23 -7.82 -20.09
C THR A 215 -1.37 -8.68 -20.58
N TRP A 216 -2.59 -8.39 -20.15
CA TRP A 216 -3.75 -9.24 -20.42
C TRP A 216 -4.84 -8.50 -21.20
N TRP A 217 -4.46 -7.52 -22.02
CA TRP A 217 -5.43 -6.83 -22.91
C TRP A 217 -6.16 -7.83 -23.78
N ASP A 218 -5.47 -8.89 -24.25
CA ASP A 218 -6.11 -9.91 -25.14
C ASP A 218 -7.40 -10.45 -24.53
N ALA A 219 -7.55 -10.51 -23.20
CA ALA A 219 -8.66 -11.19 -22.51
C ALA A 219 -9.92 -10.32 -22.53
N VAL A 220 -9.81 -9.03 -22.88
CA VAL A 220 -11.01 -8.16 -22.98
C VAL A 220 -11.26 -7.88 -24.46
N ASP A 221 -12.41 -7.30 -24.78
CA ASP A 221 -12.75 -7.01 -26.19
C ASP A 221 -12.09 -5.71 -26.64
N VAL A 222 -12.08 -4.70 -25.76
CA VAL A 222 -11.72 -3.32 -26.12
C VAL A 222 -10.80 -2.76 -25.05
N MET A 223 -9.66 -2.21 -25.45
CA MET A 223 -8.73 -1.50 -24.54
C MET A 223 -9.33 -0.12 -24.18
N SER A 224 -9.11 0.33 -22.96
CA SER A 224 -9.50 1.70 -22.60
C SER A 224 -8.61 2.25 -21.51
N SER A 225 -8.52 3.57 -21.43
CA SER A 225 -7.71 4.23 -20.43
C SER A 225 -8.39 5.53 -19.98
N SER A 226 -7.81 6.15 -18.98
CA SER A 226 -8.25 7.44 -18.42
C SER A 226 -7.42 8.54 -19.09
N GLY A 227 -8.06 9.29 -19.97
CA GLY A 227 -7.41 10.37 -20.74
C GLY A 227 -7.32 11.68 -19.97
N TYR A 228 -6.58 11.75 -18.87
CA TYR A 228 -6.43 12.97 -18.06
C TYR A 228 -5.07 13.64 -18.36
N TYR A 229 -4.68 13.66 -19.62
CA TYR A 229 -3.33 14.17 -20.02
C TYR A 229 -3.35 15.70 -19.98
N PRO A 230 -2.28 16.32 -19.44
CA PRO A 230 -2.24 17.77 -19.26
C PRO A 230 -2.26 18.53 -20.59
N ILE A 231 -2.77 19.75 -20.49
CA ILE A 231 -2.67 20.74 -21.58
C ILE A 231 -1.21 20.76 -22.04
N GLY A 232 -1.01 20.73 -23.34
CA GLY A 232 0.32 20.77 -23.97
C GLY A 232 0.88 19.39 -24.23
N SER A 233 0.23 18.30 -23.79
CA SER A 233 0.79 16.93 -23.92
C SER A 233 0.02 16.04 -24.90
N TRP A 234 -1.12 16.47 -25.45
CA TRP A 234 -2.00 15.56 -26.19
C TRP A 234 -1.35 15.04 -27.48
N GLU A 235 -0.58 15.86 -28.19
CA GLU A 235 0.05 15.41 -29.45
C GLU A 235 1.05 14.28 -29.13
N HIS A 236 1.81 14.44 -28.05
CA HIS A 236 2.76 13.42 -27.52
C HIS A 236 2.00 12.14 -27.18
N HIS A 237 0.85 12.25 -26.50
CA HIS A 237 0.12 11.05 -26.04
C HIS A 237 -0.58 10.38 -27.20
N GLU A 238 -0.99 11.12 -28.24
CA GLU A 238 -1.59 10.51 -29.43
C GLU A 238 -0.55 9.58 -30.08
N SER A 239 0.69 10.05 -30.18
CA SER A 239 1.76 9.27 -30.84
C SER A 239 2.08 8.04 -29.97
N ARG A 240 2.20 8.22 -28.66
CA ARG A 240 2.50 7.13 -27.67
C ARG A 240 1.42 6.07 -27.75
N ILE A 241 0.15 6.50 -27.64
CA ILE A 241 -0.99 5.56 -27.57
C ILE A 241 -1.19 4.86 -28.92
N LYS A 242 -1.08 5.57 -30.04
CA LYS A 242 -1.23 4.96 -31.37
C LYS A 242 -0.30 3.73 -31.47
N LYS A 243 0.93 3.86 -31.02
CA LYS A 243 1.95 2.78 -31.14
C LYS A 243 1.55 1.58 -30.28
N ILE A 244 1.03 1.84 -29.08
CA ILE A 244 0.57 0.77 -28.13
C ILE A 244 -0.61 0.06 -28.77
N VAL A 245 -1.60 0.81 -29.23
CA VAL A 245 -2.84 0.22 -29.78
C VAL A 245 -2.51 -0.62 -31.03
N GLU A 246 -1.69 -0.10 -31.93
CA GLU A 246 -1.31 -0.86 -33.14
C GLU A 246 -0.47 -2.09 -32.78
N SER A 247 0.33 -2.07 -31.73
CA SER A 247 1.07 -3.28 -31.27
C SER A 247 0.09 -4.38 -30.82
N TRP A 248 -1.06 -4.02 -30.22
CA TRP A 248 -2.07 -5.00 -29.75
C TRP A 248 -3.08 -5.37 -30.83
N GLN A 249 -3.35 -4.49 -31.80
CA GLN A 249 -4.39 -4.70 -32.84
C GLN A 249 -5.73 -4.96 -32.20
N LYS A 250 -6.10 -4.11 -31.26
CA LYS A 250 -7.44 -4.13 -30.66
C LYS A 250 -8.03 -2.75 -30.72
N PRO A 251 -9.35 -2.62 -30.67
CA PRO A 251 -9.98 -1.31 -30.51
C PRO A 251 -9.59 -0.68 -29.18
N PHE A 252 -9.53 0.64 -29.16
CA PHE A 252 -9.14 1.46 -27.99
C PHE A 252 -10.05 2.68 -27.95
N PHE A 253 -10.46 3.08 -26.75
CA PHE A 253 -11.10 4.40 -26.55
C PHE A 253 -10.79 4.86 -25.14
N PHE A 254 -11.10 6.12 -24.83
CA PHE A 254 -10.92 6.65 -23.47
C PHE A 254 -12.17 6.33 -22.66
N MET A 255 -12.05 5.49 -21.63
CA MET A 255 -13.18 5.16 -20.74
C MET A 255 -13.46 6.34 -19.78
N GLU A 256 -12.50 7.23 -19.56
CA GLU A 256 -12.70 8.50 -18.86
C GLU A 256 -11.86 9.56 -19.55
N ALA A 257 -12.34 10.78 -19.56
CA ALA A 257 -11.52 11.97 -19.89
C ALA A 257 -12.31 13.19 -19.45
N GLY A 258 -11.62 14.17 -18.93
CA GLY A 258 -12.26 15.39 -18.44
C GLY A 258 -11.31 16.27 -17.70
N CYS A 259 -11.82 17.35 -17.14
CA CYS A 259 -10.99 18.37 -16.46
C CYS A 259 -11.93 19.26 -15.66
N PRO A 260 -11.61 19.58 -14.40
CA PRO A 260 -12.44 20.52 -13.66
C PRO A 260 -12.31 21.94 -14.25
N SER A 261 -13.34 22.75 -14.01
CA SER A 261 -13.38 24.17 -14.45
C SER A 261 -12.71 25.00 -13.36
N ARG A 262 -11.41 24.78 -13.16
CA ARG A 262 -10.64 25.39 -12.05
C ARG A 262 -9.31 25.95 -12.55
N LEU A 263 -8.82 26.98 -11.86
CA LEU A 263 -7.47 27.55 -12.05
C LEU A 263 -6.45 26.42 -12.13
N GLU A 264 -5.73 26.39 -13.24
CA GLU A 264 -4.58 25.50 -13.54
C GLU A 264 -4.99 24.02 -13.48
N SER A 265 -6.27 23.67 -13.56
CA SER A 265 -6.68 22.22 -13.56
C SER A 265 -6.14 21.51 -14.80
N GLY A 266 -5.98 22.21 -15.94
CA GLY A 266 -5.52 21.62 -17.18
C GLY A 266 -4.09 21.06 -17.06
N SER A 267 -3.33 21.52 -16.08
CA SER A 267 -1.98 20.97 -15.80
C SER A 267 -2.06 19.61 -15.09
N VAL A 268 -3.17 19.33 -14.41
CA VAL A 268 -3.37 18.07 -13.62
C VAL A 268 -4.86 17.72 -13.67
N PRO A 269 -5.35 17.37 -14.87
CA PRO A 269 -6.80 17.20 -15.09
C PRO A 269 -7.39 16.12 -14.17
N TYR A 270 -6.57 15.15 -13.75
CA TYR A 270 -6.97 14.04 -12.87
C TYR A 270 -7.11 14.45 -11.41
N ASP A 271 -6.56 15.61 -11.00
CA ASP A 271 -6.50 15.94 -9.55
C ASP A 271 -7.79 16.62 -9.12
N TRP A 272 -8.73 15.84 -8.57
CA TRP A 272 -10.07 16.37 -8.21
C TRP A 272 -9.98 17.25 -6.98
N ASN A 273 -8.84 17.30 -6.28
CA ASN A 273 -8.69 18.19 -5.10
C ASN A 273 -7.93 19.48 -5.45
N LYS A 274 -7.46 19.67 -6.69
CA LYS A 274 -6.66 20.86 -7.10
C LYS A 274 -7.51 22.13 -7.03
N ASN A 275 -7.10 23.12 -6.25
CA ASN A 275 -7.65 24.51 -6.33
C ASN A 275 -9.18 24.49 -6.30
N ARG A 276 -9.76 23.81 -5.30
CA ARG A 276 -11.22 23.78 -5.08
C ARG A 276 -11.73 25.22 -4.92
N GLY A 277 -12.81 25.55 -5.61
CA GLY A 277 -13.51 26.85 -5.49
C GLY A 277 -12.87 27.94 -6.33
N GLN A 278 -11.71 27.69 -6.95
CA GLN A 278 -11.01 28.68 -7.79
C GLN A 278 -11.43 28.46 -9.22
N ILE A 279 -12.49 29.17 -9.65
CA ILE A 279 -13.21 28.86 -10.92
C ILE A 279 -12.43 29.33 -12.13
N ASP A 280 -12.33 28.48 -13.15
CA ASP A 280 -11.76 28.87 -14.46
C ASP A 280 -12.43 28.04 -15.55
N MET A 281 -13.43 28.62 -16.22
CA MET A 281 -14.18 27.98 -17.32
C MET A 281 -13.27 27.76 -18.51
N ASP A 282 -12.41 28.73 -18.80
CA ASP A 282 -11.57 28.68 -20.01
C ASP A 282 -10.58 27.53 -19.88
N GLU A 283 -10.10 27.24 -18.68
CA GLU A 283 -9.11 26.16 -18.46
C GLU A 283 -9.73 24.83 -18.95
N GLN A 284 -10.96 24.56 -18.53
CA GLN A 284 -11.68 23.32 -18.94
C GLN A 284 -11.89 23.36 -20.46
N ARG A 285 -12.31 24.50 -21.01
CA ARG A 285 -12.54 24.64 -22.45
C ARG A 285 -11.26 24.28 -23.23
N VAL A 286 -10.13 24.85 -22.84
CA VAL A 286 -8.84 24.66 -23.54
C VAL A 286 -8.44 23.17 -23.51
N PHE A 287 -8.66 22.49 -22.39
CA PHE A 287 -8.38 21.05 -22.25
C PHE A 287 -9.15 20.31 -23.33
N TYR A 288 -10.45 20.56 -23.45
CA TYR A 288 -11.30 19.82 -24.41
C TYR A 288 -10.90 20.15 -25.85
N GLU A 289 -10.62 21.42 -26.16
CA GLU A 289 -10.25 21.77 -27.55
C GLU A 289 -8.96 21.02 -27.92
N GLU A 290 -8.03 20.94 -26.98
CA GLU A 290 -6.73 20.26 -27.30
C GLU A 290 -6.93 18.76 -27.47
N MET A 291 -7.70 18.14 -26.56
CA MET A 291 -7.93 16.69 -26.61
C MET A 291 -8.56 16.34 -27.95
N PHE A 292 -9.58 17.07 -28.41
CA PHE A 292 -10.27 16.74 -29.65
C PHE A 292 -9.40 17.09 -30.88
N LYS A 293 -8.49 18.04 -30.72
CA LYS A 293 -7.56 18.41 -31.82
C LYS A 293 -6.74 17.19 -32.21
N PHE A 294 -6.31 16.41 -31.21
CA PHE A 294 -5.34 15.31 -31.42
C PHE A 294 -6.02 13.94 -31.50
N PHE A 295 -7.12 13.74 -30.78
CA PHE A 295 -7.88 12.48 -30.78
C PHE A 295 -9.25 12.74 -31.37
N HIS A 296 -9.49 12.22 -32.56
CA HIS A 296 -10.74 12.50 -33.32
C HIS A 296 -11.17 11.25 -34.05
N GLY A 297 -10.86 11.13 -35.34
CA GLY A 297 -11.46 10.12 -36.23
C GLY A 297 -10.49 9.04 -36.65
N GLN A 298 -9.27 9.00 -36.11
CA GLN A 298 -8.29 7.91 -36.42
C GLN A 298 -8.97 6.55 -36.38
N LYS A 299 -8.69 5.66 -37.33
CA LYS A 299 -9.51 4.42 -37.47
C LYS A 299 -9.23 3.42 -36.33
N TRP A 300 -8.10 3.53 -35.63
CA TRP A 300 -7.71 2.67 -34.48
C TRP A 300 -8.39 3.18 -33.19
N PHE A 301 -9.01 4.36 -33.25
CA PHE A 301 -9.53 5.07 -32.06
C PHE A 301 -11.05 5.04 -32.10
N TYR A 302 -11.69 4.78 -30.95
CA TYR A 302 -13.15 4.58 -30.89
C TYR A 302 -13.79 5.54 -29.89
N GLY A 303 -13.16 6.65 -29.58
CA GLY A 303 -13.82 7.84 -28.99
C GLY A 303 -13.71 7.94 -27.48
N PHE A 304 -14.75 8.52 -26.87
CA PHE A 304 -14.62 9.15 -25.54
C PHE A 304 -15.84 8.84 -24.69
N MET A 305 -15.59 8.34 -23.51
CA MET A 305 -16.55 8.35 -22.40
C MET A 305 -16.11 9.43 -21.41
N LEU A 306 -16.75 10.61 -21.47
CA LEU A 306 -16.28 11.77 -20.70
C LEU A 306 -16.65 11.65 -19.21
N TRP A 307 -15.96 12.42 -18.39
CA TRP A 307 -16.10 12.45 -16.93
C TRP A 307 -16.41 13.87 -16.50
N ASP A 308 -17.55 14.12 -15.83
CA ASP A 308 -18.65 13.21 -15.56
C ASP A 308 -19.87 14.10 -15.30
N TRP A 309 -20.99 13.48 -15.03
CA TRP A 309 -22.30 14.19 -14.92
C TRP A 309 -23.03 13.61 -13.74
N PRO A 310 -23.38 14.45 -12.74
CA PRO A 310 -23.97 13.95 -11.51
C PRO A 310 -25.44 13.61 -11.68
N ALA A 311 -25.94 12.72 -10.81
CA ALA A 311 -27.37 12.39 -10.74
C ALA A 311 -28.16 13.65 -10.35
N LYS A 312 -27.67 14.43 -9.42
CA LYS A 312 -28.33 15.73 -9.10
C LYS A 312 -27.52 16.85 -9.68
N LEU A 313 -28.08 17.47 -10.67
CA LEU A 313 -27.40 18.49 -11.48
C LEU A 313 -27.63 19.86 -10.86
N TYR A 314 -26.61 20.67 -10.80
CA TYR A 314 -26.70 22.08 -10.31
C TYR A 314 -27.56 22.89 -11.29
N ARG A 315 -28.14 23.97 -10.77
CA ARG A 315 -28.93 24.90 -11.62
C ARG A 315 -28.02 25.54 -12.66
N LEU A 316 -28.58 25.79 -13.83
CA LEU A 316 -27.88 26.48 -14.93
C LEU A 316 -27.28 27.82 -14.43
N GLU A 317 -28.00 28.54 -13.57
CA GLU A 317 -27.56 29.88 -13.10
C GLU A 317 -26.35 29.74 -12.15
N ASP A 318 -26.09 28.53 -11.61
CA ASP A 318 -24.96 28.26 -10.67
C ASP A 318 -23.75 27.72 -11.44
N ALA A 319 -23.87 27.47 -12.74
CA ALA A 319 -22.80 26.80 -13.52
C ALA A 319 -21.52 27.62 -13.49
N SER A 320 -21.60 28.95 -13.58
CA SER A 320 -20.39 29.79 -13.76
C SER A 320 -19.59 29.84 -12.46
N GLU A 321 -20.14 29.38 -11.33
CA GLU A 321 -19.45 29.29 -10.01
C GLU A 321 -19.24 27.81 -9.60
N ASN A 322 -19.39 26.87 -10.53
CA ASN A 322 -19.26 25.43 -10.21
C ASN A 322 -17.88 24.93 -10.62
N ASP A 323 -17.22 24.19 -9.73
CA ASP A 323 -15.80 23.83 -9.89
C ASP A 323 -15.68 22.34 -10.26
N ASP A 324 -16.77 21.70 -10.68
CA ASP A 324 -16.79 20.22 -10.87
C ASP A 324 -16.21 19.88 -12.26
N TYR A 325 -16.00 18.59 -12.53
CA TYR A 325 -15.71 18.07 -13.87
C TYR A 325 -16.88 18.37 -14.83
N CYS A 326 -18.10 18.41 -14.32
CA CYS A 326 -19.30 18.56 -15.17
C CYS A 326 -19.15 19.79 -16.07
N VAL A 327 -19.57 19.64 -17.32
CA VAL A 327 -19.49 20.73 -18.34
C VAL A 327 -20.84 21.46 -18.44
N TYR A 328 -21.91 20.99 -17.80
CA TYR A 328 -23.24 21.61 -17.92
C TYR A 328 -23.15 23.11 -17.66
N GLY A 329 -23.64 23.92 -18.60
CA GLY A 329 -23.72 25.38 -18.39
C GLY A 329 -22.38 26.07 -18.61
N LYS A 330 -21.37 25.34 -19.08
CA LYS A 330 -20.00 25.88 -19.22
C LYS A 330 -19.58 25.86 -20.68
N PRO A 331 -18.58 26.67 -21.07
CA PRO A 331 -18.14 26.70 -22.47
C PRO A 331 -17.68 25.36 -23.03
N ALA A 332 -17.08 24.54 -22.19
CA ALA A 332 -16.59 23.21 -22.65
C ALA A 332 -17.75 22.38 -23.21
N ALA A 333 -18.98 22.55 -22.72
CA ALA A 333 -20.11 21.75 -23.24
C ALA A 333 -20.31 22.03 -24.72
N GLU A 334 -20.06 23.25 -25.15
CA GLU A 334 -20.25 23.65 -26.57
C GLU A 334 -19.14 23.06 -27.42
N VAL A 335 -17.94 22.94 -26.86
CA VAL A 335 -16.85 22.24 -27.58
C VAL A 335 -17.26 20.78 -27.80
N ILE A 336 -17.75 20.13 -26.74
CA ILE A 336 -18.18 18.71 -26.84
C ILE A 336 -19.30 18.57 -27.85
N LYS A 337 -20.34 19.40 -27.74
CA LYS A 337 -21.49 19.28 -28.66
C LYS A 337 -21.03 19.47 -30.12
N SER A 338 -20.23 20.49 -30.39
CA SER A 338 -19.78 20.75 -31.78
C SER A 338 -18.88 19.60 -32.26
N PHE A 339 -18.13 18.96 -31.38
CA PHE A 339 -17.28 17.79 -31.76
C PHE A 339 -18.15 16.58 -32.07
N PHE A 340 -19.09 16.26 -31.20
CA PHE A 340 -19.93 15.05 -31.33
C PHE A 340 -20.90 15.19 -32.51
N THR A 341 -21.24 16.42 -32.94
CA THR A 341 -22.25 16.62 -34.03
C THR A 341 -21.54 16.92 -35.35
N SER A 342 -20.21 17.05 -35.33
CA SER A 342 -19.35 17.34 -36.51
C SER A 342 -19.36 16.14 -37.45
N ASN A 343 -19.29 16.39 -38.76
CA ASN A 343 -19.56 15.33 -39.76
C ASN A 343 -18.42 14.30 -39.71
N LYS A 344 -17.17 14.71 -39.45
CA LYS A 344 -16.02 13.78 -39.36
C LYS A 344 -16.24 12.77 -38.22
N ILE A 345 -16.87 13.19 -37.11
CA ILE A 345 -17.12 12.31 -35.93
C ILE A 345 -18.48 11.66 -36.16
N ALA A 346 -19.39 12.39 -36.80
CA ALA A 346 -20.68 11.80 -37.20
C ALA A 346 -20.46 10.69 -38.24
N LYS A 347 -19.37 10.66 -38.99
CA LYS A 347 -19.18 9.59 -39.97
C LYS A 347 -18.67 8.28 -39.34
N ARG A 348 -18.17 8.38 -38.13
CA ARG A 348 -17.57 7.25 -37.48
C ARG A 348 -18.58 6.34 -36.85
N HIS B 10 33.30 -6.34 1.15
CA HIS B 10 32.21 -6.62 2.16
C HIS B 10 31.70 -8.08 2.06
N SER B 11 31.60 -8.65 0.83
CA SER B 11 30.93 -9.96 0.57
C SER B 11 31.61 -11.09 1.34
N SER B 12 30.82 -11.91 2.00
CA SER B 12 31.27 -12.84 3.06
C SER B 12 30.13 -13.82 3.29
N GLY B 13 30.42 -14.90 4.01
CA GLY B 13 29.50 -16.02 4.24
C GLY B 13 29.09 -16.08 5.69
N LEU B 14 29.43 -17.18 6.38
CA LEU B 14 28.97 -17.47 7.75
C LEU B 14 29.55 -16.42 8.71
N VAL B 15 30.70 -15.81 8.37
CA VAL B 15 31.39 -14.83 9.27
C VAL B 15 31.51 -13.49 8.55
N PRO B 16 30.98 -12.37 9.10
CA PRO B 16 31.25 -11.07 8.51
C PRO B 16 32.77 -10.87 8.46
N ARG B 17 33.27 -10.10 7.48
CA ARG B 17 34.72 -9.85 7.36
C ARG B 17 35.20 -9.21 8.66
N GLY B 18 36.42 -9.51 9.09
CA GLY B 18 36.92 -9.11 10.44
C GLY B 18 36.81 -7.60 10.66
N SER B 19 37.08 -6.81 9.60
CA SER B 19 37.07 -5.32 9.63
C SER B 19 35.72 -4.76 10.12
N HIS B 20 34.62 -5.52 9.97
CA HIS B 20 33.24 -5.11 10.38
C HIS B 20 32.96 -5.51 11.84
N MET B 21 33.77 -6.37 12.47
CA MET B 21 33.49 -6.86 13.86
C MET B 21 34.51 -6.29 14.87
N SER B 34 34.04 -15.92 14.64
CA SER B 34 32.60 -16.02 14.18
C SER B 34 31.81 -14.79 14.65
N MET B 35 30.58 -14.67 14.17
CA MET B 35 29.57 -13.66 14.61
C MET B 35 29.20 -13.93 16.09
N ASP B 36 28.97 -12.90 16.89
CA ASP B 36 28.49 -13.00 18.30
C ASP B 36 27.17 -13.76 18.31
N TYR B 37 26.89 -14.51 19.37
CA TYR B 37 25.52 -14.98 19.68
C TYR B 37 24.80 -13.88 20.44
N ILE B 38 23.68 -13.43 19.88
CA ILE B 38 22.92 -12.28 20.43
C ILE B 38 22.00 -12.77 21.53
N LYS B 39 22.18 -12.23 22.72
CA LYS B 39 21.25 -12.38 23.86
C LYS B 39 20.74 -10.97 24.14
N GLY B 40 19.64 -10.62 23.50
CA GLY B 40 19.23 -9.21 23.41
C GLY B 40 17.83 -8.91 23.88
N MET B 41 17.62 -7.66 24.24
CA MET B 41 16.29 -7.08 24.42
C MET B 41 16.25 -5.73 23.73
N THR B 42 15.16 -5.47 23.03
CA THR B 42 14.89 -4.18 22.40
C THR B 42 14.48 -3.17 23.47
N TRP B 43 15.07 -1.97 23.44
CA TRP B 43 14.80 -0.88 24.42
C TRP B 43 14.33 0.39 23.69
N GLY B 44 13.36 1.08 24.24
CA GLY B 44 13.04 2.49 23.96
C GLY B 44 11.87 2.69 23.03
N TRP B 45 11.34 1.63 22.42
CA TRP B 45 10.23 1.77 21.45
C TRP B 45 9.02 2.38 22.16
N ILE B 46 8.34 3.37 21.58
CA ILE B 46 8.35 3.75 20.17
C ILE B 46 9.37 4.86 19.86
N GLY B 47 10.06 5.39 20.87
CA GLY B 47 11.06 6.45 20.67
C GLY B 47 10.42 7.81 20.81
N ASN B 48 10.15 8.15 22.05
CA ASN B 48 9.54 9.45 22.45
C ASN B 48 10.58 10.21 23.29
N SER B 49 11.02 11.36 22.79
CA SER B 49 12.06 12.18 23.41
C SER B 49 11.76 12.37 24.91
N GLU B 50 10.55 12.78 25.26
CA GLU B 50 10.16 13.06 26.66
C GLU B 50 10.36 11.82 27.53
N ASP B 51 10.03 10.63 27.01
CA ASP B 51 10.22 9.39 27.79
C ASP B 51 11.71 9.14 27.94
N TRP B 52 12.49 9.28 26.88
CA TRP B 52 13.92 8.92 26.93
C TRP B 52 14.68 9.91 27.83
N ARG B 53 14.19 11.13 27.96
CA ARG B 53 14.92 12.12 28.79
C ARG B 53 14.48 12.03 30.25
N SER B 54 13.46 11.25 30.60
CA SER B 54 13.01 11.06 32.00
C SER B 54 14.12 10.34 32.81
N ASN B 55 14.17 10.62 34.12
CA ASN B 55 14.95 9.84 35.13
C ASN B 55 14.61 8.36 34.99
N GLU B 56 13.33 8.08 34.73
CA GLU B 56 12.78 6.70 34.66
C GLU B 56 13.56 5.91 33.59
N ALA B 57 14.00 6.56 32.53
CA ALA B 57 14.65 5.84 31.40
C ALA B 57 15.91 5.15 31.89
N GLU B 58 16.75 5.81 32.70
CA GLU B 58 17.97 5.17 33.19
C GLU B 58 17.60 3.94 34.01
N ARG B 59 16.63 4.05 34.90
CA ARG B 59 16.24 2.93 35.78
C ARG B 59 15.75 1.77 34.93
N SER B 60 14.97 2.09 33.90
CA SER B 60 14.41 1.09 32.97
C SER B 60 15.55 0.29 32.34
N MET B 61 16.52 0.99 31.77
CA MET B 61 17.63 0.30 31.08
C MET B 61 18.44 -0.53 32.10
N GLU B 62 18.73 0.00 33.28
CA GLU B 62 19.45 -0.80 34.30
C GLU B 62 18.67 -2.08 34.60
N GLU B 63 17.37 -1.96 34.82
CA GLU B 63 16.56 -3.13 35.22
C GLU B 63 16.60 -4.18 34.10
N MET B 64 16.65 -3.72 32.83
CA MET B 64 16.66 -4.62 31.65
C MET B 64 17.91 -5.51 31.71
N THR B 65 19.02 -5.06 32.29
CA THR B 65 20.26 -5.90 32.36
C THR B 65 20.06 -7.19 33.18
N ASN B 66 19.05 -7.22 34.05
CA ASN B 66 18.83 -8.41 34.91
C ASN B 66 18.28 -9.56 34.05
N LEU B 67 17.98 -9.32 32.77
CA LEU B 67 17.63 -10.44 31.85
C LEU B 67 18.86 -11.26 31.48
N ALA B 68 20.08 -10.83 31.83
CA ALA B 68 21.36 -11.48 31.49
C ALA B 68 21.59 -11.40 29.98
N ILE B 69 21.09 -10.31 29.41
CA ILE B 69 21.39 -9.90 28.01
C ILE B 69 22.84 -9.41 27.90
N ASN B 70 23.38 -9.49 26.69
CA ASN B 70 24.67 -8.82 26.38
C ASN B 70 24.53 -7.88 25.18
N TRP B 71 23.33 -7.76 24.64
CA TRP B 71 23.00 -6.85 23.52
C TRP B 71 21.69 -6.12 23.83
N THR B 72 21.54 -4.92 23.28
CA THR B 72 20.25 -4.25 23.19
C THR B 72 20.13 -3.63 21.81
N ALA B 73 18.92 -3.64 21.29
CA ALA B 73 18.54 -2.86 20.10
C ALA B 73 17.89 -1.58 20.57
N ILE B 74 18.51 -0.46 20.23
CA ILE B 74 17.96 0.87 20.56
C ILE B 74 17.01 1.25 19.44
N ALA B 75 15.71 1.15 19.67
CA ALA B 75 14.68 1.20 18.60
C ALA B 75 13.82 2.44 18.77
N PHE B 76 13.50 3.09 17.66
CA PHE B 76 12.81 4.38 17.67
C PHE B 76 12.26 4.64 16.28
N GLN B 77 11.21 5.43 16.21
CA GLN B 77 10.50 5.66 14.95
C GLN B 77 10.97 6.94 14.24
N GLY B 78 10.92 6.85 12.93
CA GLY B 78 10.71 7.96 12.00
C GLY B 78 9.33 7.87 11.41
N LEU B 79 8.85 8.92 10.74
CA LEU B 79 7.44 8.96 10.33
C LEU B 79 7.30 9.44 8.88
N GLN B 80 6.41 8.77 8.15
CA GLN B 80 5.88 9.31 6.87
C GLN B 80 4.36 9.40 7.02
N GLU B 81 3.72 10.25 6.20
CA GLU B 81 2.28 10.56 6.43
C GLU B 81 1.39 9.37 6.08
N THR B 82 1.61 8.79 4.90
CA THR B 82 0.82 7.65 4.40
C THR B 82 1.79 6.60 3.86
N ALA B 83 1.25 5.44 3.55
CA ALA B 83 2.03 4.31 2.96
C ALA B 83 2.52 4.67 1.56
N HIS B 84 1.99 5.74 0.94
CA HIS B 84 2.34 6.09 -0.47
C HIS B 84 2.86 7.53 -0.57
N SER B 85 3.42 8.08 0.51
CA SER B 85 4.06 9.40 0.49
C SER B 85 5.56 9.24 0.59
N PRO B 86 6.31 10.08 -0.11
CA PRO B 86 7.74 9.87 -0.23
C PRO B 86 8.60 10.43 0.90
N ASP B 87 8.07 11.30 1.76
CA ASP B 87 8.87 12.09 2.73
C ASP B 87 8.81 11.50 4.14
N ILE B 88 10.00 11.20 4.67
CA ILE B 88 10.19 10.66 6.04
C ILE B 88 10.77 11.75 6.92
N THR B 89 10.10 12.02 8.02
CA THR B 89 10.54 12.97 9.06
C THR B 89 11.19 12.18 10.17
N PHE B 90 12.18 12.76 10.82
CA PHE B 90 12.88 12.10 11.95
C PHE B 90 13.50 13.18 12.83
N ALA B 91 13.72 12.88 14.09
CA ALA B 91 14.50 13.73 15.01
C ALA B 91 13.80 15.08 15.16
N GLU B 92 12.49 15.07 15.12
CA GLU B 92 11.62 16.25 15.37
C GLU B 92 10.57 15.80 16.38
N PRO B 93 10.11 16.69 17.28
CA PRO B 93 9.11 16.31 18.28
C PRO B 93 7.93 15.60 17.65
N PRO B 94 7.43 14.51 18.25
CA PRO B 94 7.91 14.01 19.54
C PRO B 94 9.00 12.91 19.49
N MET B 95 9.63 12.74 18.33
CA MET B 95 10.62 11.67 18.08
C MET B 95 11.92 11.99 18.81
N VAL B 96 12.77 10.99 18.96
CA VAL B 96 14.03 11.13 19.73
C VAL B 96 14.96 12.15 19.07
N THR B 97 15.61 12.96 19.89
CA THR B 97 16.70 13.82 19.46
C THR B 97 17.95 12.96 19.25
N ASP B 98 18.91 13.47 18.51
CA ASP B 98 20.24 12.85 18.36
C ASP B 98 20.91 12.72 19.73
N GLU B 99 20.72 13.71 20.62
CA GLU B 99 21.30 13.63 21.98
C GLU B 99 20.65 12.46 22.75
N ASN B 100 19.33 12.29 22.65
CA ASN B 100 18.62 11.16 23.31
C ASN B 100 19.23 9.83 22.82
N VAL B 101 19.48 9.75 21.53
CA VAL B 101 20.03 8.49 20.95
C VAL B 101 21.47 8.27 21.42
N ARG B 102 22.26 9.34 21.45
CA ARG B 102 23.65 9.17 21.92
C ARG B 102 23.61 8.72 23.39
N TRP B 103 22.64 9.23 24.13
CA TRP B 103 22.55 8.89 25.57
C TRP B 103 22.21 7.40 25.71
N ALA B 104 21.22 6.94 24.96
CA ALA B 104 20.78 5.55 25.10
C ALA B 104 21.90 4.60 24.72
N ILE B 105 22.63 4.91 23.64
CA ILE B 105 23.74 4.05 23.19
C ILE B 105 24.81 4.01 24.30
N ALA B 106 25.24 5.17 24.77
CA ALA B 106 26.30 5.28 25.77
C ALA B 106 25.87 4.61 27.07
N LYS B 107 24.64 4.82 27.49
CA LYS B 107 24.17 4.18 28.73
C LYS B 107 24.21 2.67 28.57
N ALA B 108 23.72 2.17 27.43
CA ALA B 108 23.73 0.72 27.18
C ALA B 108 25.16 0.20 27.24
N LYS B 109 26.09 0.89 26.58
CA LYS B 109 27.49 0.44 26.56
C LYS B 109 28.10 0.51 27.97
N SER B 110 27.69 1.51 28.75
CA SER B 110 28.17 1.71 30.14
C SER B 110 27.69 0.57 31.03
N LEU B 111 26.64 -0.12 30.61
CA LEU B 111 26.10 -1.32 31.29
C LEU B 111 26.70 -2.61 30.70
N GLY B 112 27.67 -2.53 29.80
CA GLY B 112 28.34 -3.70 29.23
C GLY B 112 27.62 -4.32 28.03
N LEU B 113 26.62 -3.63 27.48
CA LEU B 113 25.84 -4.16 26.32
C LEU B 113 26.48 -3.72 25.02
N SER B 114 26.47 -4.60 24.03
CA SER B 114 26.67 -4.24 22.63
C SER B 114 25.35 -3.72 22.07
N VAL B 115 25.41 -2.85 21.09
CA VAL B 115 24.23 -2.09 20.62
C VAL B 115 23.95 -2.39 19.14
N ILE B 116 22.67 -2.66 18.87
CA ILE B 116 22.10 -2.60 17.50
C ILE B 116 21.29 -1.34 17.40
N LEU B 117 21.65 -0.43 16.50
CA LEU B 117 20.80 0.76 16.31
C LEU B 117 19.69 0.43 15.34
N LYS B 118 18.47 0.72 15.71
CA LYS B 118 17.30 0.28 14.90
C LYS B 118 16.33 1.41 14.65
N PRO B 119 16.59 2.26 13.64
CA PRO B 119 15.62 3.26 13.19
C PRO B 119 14.54 2.57 12.37
N ILE B 120 13.30 2.81 12.73
CA ILE B 120 12.14 2.14 12.09
C ILE B 120 11.20 3.21 11.56
N VAL B 121 10.80 3.12 10.30
CA VAL B 121 9.77 4.05 9.75
C VAL B 121 8.38 3.54 10.11
N ASN B 122 7.56 4.43 10.67
CA ASN B 122 6.12 4.20 10.86
C ASN B 122 5.33 5.20 10.01
N VAL B 123 4.06 4.90 9.86
CA VAL B 123 3.14 5.68 8.99
C VAL B 123 2.16 6.39 9.93
N ARG B 124 2.05 7.71 9.83
CA ARG B 124 1.24 8.54 10.77
C ARG B 124 -0.21 8.10 10.74
N ASP B 125 -0.72 7.61 9.62
CA ASP B 125 -2.15 7.22 9.49
C ASP B 125 -2.41 5.84 10.09
N GLY B 126 -1.39 5.17 10.62
CA GLY B 126 -1.54 3.89 11.32
C GLY B 126 -1.28 2.71 10.44
N THR B 127 -1.07 2.89 9.14
CA THR B 127 -0.85 1.77 8.19
C THR B 127 0.42 1.03 8.60
N TRP B 128 0.35 -0.28 8.63
CA TRP B 128 1.53 -1.15 8.87
C TRP B 128 2.59 -0.85 7.80
N ARG B 129 3.83 -0.63 8.20
CA ARG B 129 4.93 -0.20 7.30
C ARG B 129 5.18 -1.19 6.15
N ALA B 130 4.82 -2.46 6.32
CA ALA B 130 5.01 -3.47 5.27
C ALA B 130 4.22 -3.10 3.99
N HIS B 131 3.24 -2.21 4.11
CA HIS B 131 2.42 -1.80 2.94
C HIS B 131 3.01 -0.56 2.23
N ILE B 132 4.04 0.06 2.77
CA ILE B 132 4.71 1.20 2.07
C ILE B 132 5.10 0.74 0.67
N ASN B 133 4.71 1.49 -0.35
CA ASN B 133 4.74 0.96 -1.73
C ASN B 133 4.50 2.09 -2.75
N PHE B 134 5.04 1.91 -3.92
CA PHE B 134 4.93 2.87 -5.05
C PHE B 134 4.73 2.02 -6.30
N PHE B 135 4.25 2.66 -7.37
CA PHE B 135 4.08 1.94 -8.65
C PHE B 135 5.44 1.46 -9.17
N ASP B 136 5.46 0.31 -9.83
CA ASP B 136 6.67 -0.33 -10.42
C ASP B 136 7.27 0.64 -11.46
N LYS B 137 6.38 1.25 -12.23
CA LYS B 137 6.64 2.16 -13.38
C LYS B 137 6.50 3.60 -12.90
N ASP B 138 7.52 4.40 -13.07
CA ASP B 138 7.44 5.85 -12.76
C ASP B 138 6.42 6.51 -13.68
N VAL B 139 5.50 7.25 -13.10
CA VAL B 139 4.52 8.07 -13.86
C VAL B 139 4.55 9.48 -13.31
N PRO B 140 4.26 10.47 -14.19
CA PRO B 140 4.31 11.88 -13.82
C PRO B 140 3.34 12.28 -12.70
N CYS B 141 2.29 11.49 -12.51
CA CYS B 141 1.17 11.87 -11.60
C CYS B 141 1.35 11.28 -10.21
N GLU B 142 2.40 10.49 -9.94
CA GLU B 142 2.53 9.82 -8.62
C GLU B 142 3.93 10.03 -8.09
N PRO B 143 4.10 10.04 -6.76
CA PRO B 143 5.46 9.99 -6.21
C PRO B 143 6.12 8.69 -6.65
N THR B 144 7.44 8.70 -6.75
CA THR B 144 8.21 7.59 -7.30
C THR B 144 9.01 6.86 -6.20
N TRP B 145 9.34 5.63 -6.47
CA TRP B 145 10.36 4.87 -5.70
C TRP B 145 11.61 5.72 -5.52
N SER B 146 12.10 6.41 -6.55
CA SER B 146 13.38 7.16 -6.40
C SER B 146 13.20 8.26 -5.35
N GLN B 147 12.04 8.91 -5.29
CA GLN B 147 11.76 9.95 -4.28
C GLN B 147 11.75 9.36 -2.87
N TRP B 148 11.05 8.23 -2.69
CA TRP B 148 10.94 7.62 -1.34
C TRP B 148 12.34 7.13 -0.94
N PHE B 149 13.08 6.48 -1.83
CA PHE B 149 14.41 5.93 -1.48
C PHE B 149 15.36 7.09 -1.11
N LYS B 150 15.25 8.23 -1.78
CA LYS B 150 16.08 9.38 -1.41
C LYS B 150 15.76 9.79 0.02
N SER B 151 14.48 9.87 0.38
CA SER B 151 14.07 10.25 1.75
C SER B 151 14.52 9.19 2.76
N TYR B 152 14.33 7.93 2.41
CA TYR B 152 14.71 6.80 3.30
C TYR B 152 16.24 6.76 3.48
N GLU B 153 16.99 7.03 2.41
CA GLU B 153 18.48 7.16 2.46
C GLU B 153 18.85 8.31 3.40
N SER B 154 18.16 9.45 3.36
CA SER B 154 18.54 10.57 4.27
C SER B 154 18.35 10.12 5.71
N PHE B 155 17.26 9.41 5.96
CA PHE B 155 16.87 8.91 7.30
C PHE B 155 17.94 7.93 7.75
N MET B 156 18.19 6.90 6.93
CA MET B 156 19.06 5.80 7.37
C MET B 156 20.51 6.28 7.41
N LEU B 157 20.94 7.18 6.51
CA LEU B 157 22.33 7.64 6.57
C LEU B 157 22.55 8.55 7.76
N HIS B 158 21.56 9.34 8.15
CA HIS B 158 21.63 10.16 9.38
C HIS B 158 22.00 9.23 10.53
N TYR B 159 21.26 8.13 10.68
CA TYR B 159 21.48 7.23 11.83
C TYR B 159 22.71 6.34 11.60
N ALA B 160 23.08 6.00 10.37
CA ALA B 160 24.30 5.24 10.13
C ALA B 160 25.51 6.07 10.61
N LYS B 161 25.50 7.37 10.31
CA LYS B 161 26.56 8.29 10.78
C LYS B 161 26.57 8.35 12.32
N LEU B 162 25.40 8.43 12.94
CA LEU B 162 25.30 8.44 14.40
C LEU B 162 25.80 7.10 14.94
N ALA B 163 25.48 5.96 14.28
CA ALA B 163 25.97 4.64 14.71
C ALA B 163 27.51 4.59 14.68
N GLU B 164 28.12 5.17 13.63
CA GLU B 164 29.59 5.24 13.49
C GLU B 164 30.16 6.09 14.63
N ASP B 165 29.62 7.28 14.80
CA ASP B 165 30.19 8.25 15.78
C ASP B 165 30.13 7.63 17.19
N THR B 166 29.09 6.85 17.49
CA THR B 166 28.85 6.31 18.86
C THR B 166 29.42 4.91 19.04
N GLY B 167 29.96 4.29 17.97
CA GLY B 167 30.55 2.96 18.05
C GLY B 167 29.53 1.84 18.24
N CYS B 168 28.34 1.98 17.66
CA CYS B 168 27.35 0.88 17.63
C CYS B 168 27.93 -0.30 16.88
N GLU B 169 27.84 -1.49 17.46
CA GLU B 169 28.39 -2.72 16.88
C GLU B 169 27.59 -3.11 15.63
N MET B 170 26.29 -2.82 15.62
CA MET B 170 25.43 -3.25 14.51
C MET B 170 24.43 -2.16 14.17
N LEU B 171 24.06 -2.09 12.89
CA LEU B 171 22.99 -1.22 12.39
C LEU B 171 21.97 -2.11 11.69
N CYS B 172 20.71 -1.96 12.04
CA CYS B 172 19.61 -2.58 11.30
C CYS B 172 19.02 -1.58 10.33
N ILE B 173 19.17 -1.86 9.04
CA ILE B 173 18.85 -0.86 7.99
C ILE B 173 17.38 -0.89 7.59
N GLY B 174 16.54 -1.71 8.20
CA GLY B 174 15.10 -1.65 7.99
C GLY B 174 14.42 -2.80 8.66
N CYS B 175 13.11 -2.71 8.76
CA CYS B 175 12.30 -3.65 9.54
C CYS B 175 10.97 -3.91 8.84
N ALA B 176 10.80 -5.11 8.25
CA ALA B 176 9.52 -5.60 7.69
C ALA B 176 9.02 -4.62 6.63
N MET B 177 9.92 -4.12 5.78
CA MET B 177 9.54 -3.22 4.67
C MET B 177 9.15 -4.08 3.46
N VAL B 178 8.15 -4.93 3.65
CA VAL B 178 7.87 -6.07 2.73
C VAL B 178 7.68 -5.55 1.30
N GLN B 179 6.80 -4.56 1.14
CA GLN B 179 6.47 -4.07 -0.22
C GLN B 179 7.53 -3.14 -0.78
N THR B 180 8.71 -2.99 -0.16
CA THR B 180 9.85 -2.33 -0.78
C THR B 180 10.92 -3.35 -1.20
N GLU B 181 10.85 -4.57 -0.71
CA GLU B 181 12.01 -5.50 -0.80
C GLU B 181 12.29 -5.89 -2.25
N ARG B 182 11.28 -5.87 -3.12
CA ARG B 182 11.49 -6.19 -4.54
C ARG B 182 12.38 -5.15 -5.23
N ARG B 183 12.56 -3.97 -4.62
CA ARG B 183 13.36 -2.89 -5.22
C ARG B 183 14.83 -3.19 -4.93
N GLU B 184 15.32 -4.24 -5.55
CA GLU B 184 16.65 -4.81 -5.23
C GLU B 184 17.72 -3.75 -5.55
N LYS B 185 17.67 -3.10 -6.71
CA LYS B 185 18.75 -2.18 -7.10
C LYS B 185 18.81 -1.04 -6.08
N GLU B 186 17.68 -0.51 -5.67
CA GLU B 186 17.64 0.62 -4.73
C GLU B 186 18.16 0.17 -3.36
N TRP B 187 17.81 -1.04 -2.91
CA TRP B 187 18.30 -1.53 -1.59
C TRP B 187 19.81 -1.70 -1.68
N ARG B 188 20.31 -2.26 -2.79
CA ARG B 188 21.77 -2.49 -2.87
C ARG B 188 22.48 -1.13 -2.93
N ASP B 189 21.90 -0.16 -3.63
CA ASP B 189 22.47 1.22 -3.71
C ASP B 189 22.51 1.83 -2.30
N LEU B 190 21.43 1.70 -1.53
CA LEU B 190 21.37 2.26 -0.16
C LEU B 190 22.46 1.60 0.68
N ILE B 191 22.60 0.29 0.57
CA ILE B 191 23.57 -0.46 1.41
C ILE B 191 25.00 0.02 1.04
N GLN B 192 25.29 0.24 -0.24
CA GLN B 192 26.62 0.77 -0.63
C GLN B 192 26.86 2.12 0.05
N LYS B 193 25.85 2.99 0.11
CA LYS B 193 25.99 4.32 0.76
C LYS B 193 26.19 4.12 2.26
N VAL B 194 25.49 3.16 2.85
CA VAL B 194 25.64 2.92 4.31
C VAL B 194 27.08 2.48 4.57
N ARG B 195 27.63 1.58 3.77
CA ARG B 195 29.00 1.04 3.93
C ARG B 195 30.01 2.20 3.90
N GLN B 196 29.72 3.27 3.18
CA GLN B 196 30.69 4.41 3.06
C GLN B 196 30.74 5.20 4.38
N VAL B 197 29.72 5.15 5.23
CA VAL B 197 29.69 5.99 6.45
C VAL B 197 29.70 5.15 7.73
N TYR B 198 29.42 3.84 7.62
CA TYR B 198 29.29 2.96 8.80
C TYR B 198 30.10 1.70 8.59
N SER B 199 31.01 1.41 9.51
CA SER B 199 32.00 0.33 9.34
C SER B 199 31.64 -0.90 10.14
N GLY B 200 30.51 -0.90 10.87
CA GLY B 200 30.20 -2.07 11.69
C GLY B 200 29.34 -3.09 10.97
N ILE B 201 28.60 -3.90 11.73
CA ILE B 201 27.84 -5.04 11.16
C ILE B 201 26.51 -4.49 10.63
N ILE B 202 26.10 -4.86 9.43
CA ILE B 202 24.78 -4.47 8.88
C ILE B 202 23.86 -5.68 8.85
N THR B 203 22.64 -5.52 9.33
CA THR B 203 21.55 -6.48 9.15
C THR B 203 20.36 -5.75 8.55
N TYR B 204 19.47 -6.53 7.96
CA TYR B 204 18.11 -6.11 7.60
C TYR B 204 17.16 -7.10 8.28
N ASN B 205 16.08 -6.61 8.87
CA ASN B 205 15.10 -7.44 9.60
C ASN B 205 13.89 -7.66 8.68
N CYS B 206 13.79 -8.82 8.05
CA CYS B 206 12.60 -9.13 7.23
C CYS B 206 11.44 -9.48 8.17
N ASP B 207 10.23 -9.44 7.63
CA ASP B 207 9.05 -9.77 8.43
C ASP B 207 8.96 -11.28 8.65
N LYS B 208 8.13 -11.66 9.63
CA LYS B 208 7.70 -13.05 9.81
C LYS B 208 7.30 -13.67 8.46
N TYR B 209 7.73 -14.88 8.24
CA TYR B 209 7.45 -15.74 7.07
C TYR B 209 8.19 -15.27 5.80
N GLN B 210 9.03 -14.23 5.86
CA GLN B 210 9.61 -13.64 4.62
C GLN B 210 11.10 -13.99 4.48
N GLU B 211 11.64 -14.93 5.24
CA GLU B 211 13.09 -15.23 5.26
C GLU B 211 13.59 -15.62 3.86
N ASP B 212 12.78 -16.29 3.08
CA ASP B 212 13.18 -16.78 1.73
C ASP B 212 12.83 -15.77 0.63
N GLU B 213 12.34 -14.59 0.96
CA GLU B 213 11.72 -13.68 -0.04
C GLU B 213 12.61 -12.48 -0.37
N VAL B 214 13.66 -12.26 0.39
CA VAL B 214 14.59 -11.15 0.15
C VAL B 214 15.68 -11.63 -0.81
N THR B 215 15.84 -10.95 -1.95
CA THR B 215 16.75 -11.45 -3.02
C THR B 215 18.15 -10.91 -2.82
N TRP B 216 18.36 -10.03 -1.84
CA TRP B 216 19.63 -9.28 -1.66
C TRP B 216 20.26 -9.55 -0.29
N TRP B 217 20.02 -10.71 0.32
CA TRP B 217 20.63 -11.06 1.62
C TRP B 217 22.16 -10.98 1.51
N ASP B 218 22.72 -11.26 0.32
CA ASP B 218 24.19 -11.27 0.16
C ASP B 218 24.78 -9.89 0.45
N ALA B 219 24.00 -8.82 0.36
CA ALA B 219 24.48 -7.42 0.49
C ALA B 219 24.60 -7.03 1.97
N VAL B 220 24.02 -7.80 2.90
CA VAL B 220 24.18 -7.48 4.34
C VAL B 220 25.16 -8.49 4.95
N ASP B 221 25.59 -8.27 6.17
CA ASP B 221 26.50 -9.19 6.87
C ASP B 221 25.73 -10.33 7.52
N VAL B 222 24.54 -10.04 8.04
CA VAL B 222 23.78 -10.99 8.91
C VAL B 222 22.31 -10.91 8.50
N MET B 223 21.71 -12.06 8.25
CA MET B 223 20.27 -12.19 7.98
C MET B 223 19.50 -12.11 9.33
N SER B 224 18.32 -11.54 9.31
CA SER B 224 17.47 -11.55 10.52
C SER B 224 16.03 -11.40 10.14
N SER B 225 15.16 -11.89 11.03
CA SER B 225 13.72 -11.85 10.82
C SER B 225 13.01 -11.61 12.14
N SER B 226 11.71 -11.43 12.03
CA SER B 226 10.80 -11.24 13.19
C SER B 226 10.17 -12.59 13.57
N GLY B 227 10.58 -13.17 14.70
CA GLY B 227 10.19 -14.50 15.13
C GLY B 227 8.90 -14.45 15.94
N TYR B 228 7.79 -14.12 15.29
CA TYR B 228 6.46 -14.07 15.96
C TYR B 228 5.63 -15.31 15.59
N TYR B 229 6.27 -16.46 15.56
CA TYR B 229 5.60 -17.69 15.06
C TYR B 229 4.70 -18.22 16.17
N PRO B 230 3.52 -18.76 15.80
CA PRO B 230 2.56 -19.19 16.80
C PRO B 230 3.03 -20.40 17.60
N ILE B 231 2.51 -20.48 18.83
CA ILE B 231 2.61 -21.70 19.66
C ILE B 231 2.22 -22.89 18.77
N GLY B 232 3.01 -23.93 18.83
CA GLY B 232 2.80 -25.17 18.08
C GLY B 232 3.45 -25.19 16.72
N SER B 233 4.09 -24.07 16.28
CA SER B 233 4.68 -23.98 14.92
C SER B 233 6.22 -23.95 14.92
N TRP B 234 6.85 -23.82 16.08
CA TRP B 234 8.29 -23.51 16.16
C TRP B 234 9.16 -24.63 15.60
N GLU B 235 8.79 -25.89 15.81
CA GLU B 235 9.58 -27.00 15.23
C GLU B 235 9.54 -26.92 13.70
N HIS B 236 8.37 -26.65 13.15
CA HIS B 236 8.20 -26.45 11.69
C HIS B 236 9.09 -25.30 11.21
N HIS B 237 9.05 -24.15 11.90
CA HIS B 237 9.81 -22.98 11.43
C HIS B 237 11.31 -23.20 11.57
N GLU B 238 11.75 -23.96 12.57
CA GLU B 238 13.18 -24.23 12.72
C GLU B 238 13.66 -25.00 11.48
N SER B 239 12.86 -25.95 11.03
CA SER B 239 13.27 -26.75 9.84
C SER B 239 13.27 -25.88 8.58
N ARG B 240 12.26 -25.06 8.42
CA ARG B 240 12.06 -24.15 7.27
C ARG B 240 13.22 -23.16 7.22
N ILE B 241 13.48 -22.50 8.33
CA ILE B 241 14.50 -21.41 8.36
C ILE B 241 15.88 -22.01 8.22
N LYS B 242 16.16 -23.14 8.87
CA LYS B 242 17.48 -23.78 8.73
C LYS B 242 17.83 -23.94 7.25
N LYS B 243 16.88 -24.40 6.44
CA LYS B 243 17.17 -24.69 5.00
C LYS B 243 17.44 -23.39 4.27
N ILE B 244 16.67 -22.34 4.58
CA ILE B 244 16.88 -21.02 3.94
C ILE B 244 18.27 -20.50 4.29
N VAL B 245 18.61 -20.53 5.56
CA VAL B 245 19.91 -19.99 6.02
C VAL B 245 21.04 -20.79 5.37
N GLU B 246 20.94 -22.11 5.32
CA GLU B 246 21.98 -22.97 4.71
C GLU B 246 22.10 -22.65 3.22
N SER B 247 21.02 -22.27 2.54
CA SER B 247 21.10 -21.93 1.10
C SER B 247 21.89 -20.63 0.92
N TRP B 248 21.79 -19.66 1.87
CA TRP B 248 22.48 -18.37 1.73
C TRP B 248 23.89 -18.38 2.31
N GLN B 249 24.21 -19.29 3.22
CA GLN B 249 25.53 -19.32 3.90
C GLN B 249 25.82 -17.95 4.52
N LYS B 250 24.91 -17.48 5.35
CA LYS B 250 25.09 -16.25 6.15
C LYS B 250 24.68 -16.58 7.57
N PRO B 251 25.22 -15.87 8.57
CA PRO B 251 24.68 -15.98 9.91
C PRO B 251 23.25 -15.43 9.90
N PHE B 252 22.43 -15.96 10.80
CA PHE B 252 21.01 -15.58 10.96
C PHE B 252 20.66 -15.51 12.44
N PHE B 253 19.88 -14.51 12.83
CA PHE B 253 19.28 -14.42 14.17
C PHE B 253 17.92 -13.76 14.08
N PHE B 254 17.14 -13.82 15.15
CA PHE B 254 15.85 -13.09 15.19
C PHE B 254 16.09 -11.65 15.65
N MET B 255 15.84 -10.68 14.79
CA MET B 255 15.96 -9.26 15.17
C MET B 255 14.78 -8.82 16.03
N GLU B 256 13.67 -9.55 16.02
CA GLU B 256 12.56 -9.39 16.98
C GLU B 256 12.03 -10.76 17.31
N ALA B 257 11.53 -10.93 18.53
CA ALA B 257 10.73 -12.12 18.91
C ALA B 257 10.08 -11.80 20.25
N GLY B 258 8.84 -12.14 20.41
CA GLY B 258 8.14 -11.87 21.66
C GLY B 258 6.67 -12.17 21.54
N CYS B 259 5.92 -11.91 22.60
CA CYS B 259 4.50 -12.26 22.67
C CYS B 259 3.90 -11.46 23.81
N PRO B 260 2.73 -10.86 23.65
CA PRO B 260 2.08 -10.17 24.77
C PRO B 260 1.59 -11.18 25.81
N SER B 261 1.47 -10.70 27.05
CA SER B 261 0.95 -11.50 28.18
C SER B 261 -0.56 -11.40 28.15
N ARG B 262 -1.20 -11.96 27.13
CA ARG B 262 -2.66 -11.82 26.91
C ARG B 262 -3.29 -13.15 26.52
N LEU B 263 -4.58 -13.28 26.82
CA LEU B 263 -5.39 -14.46 26.41
C LEU B 263 -5.15 -14.73 24.91
N GLU B 264 -4.73 -15.94 24.60
CA GLU B 264 -4.60 -16.50 23.21
C GLU B 264 -3.58 -15.70 22.37
N SER B 265 -2.74 -14.85 22.98
CA SER B 265 -1.74 -14.07 22.20
C SER B 265 -0.75 -15.03 21.51
N GLY B 266 -0.47 -16.19 22.09
CA GLY B 266 0.51 -17.15 21.55
C GLY B 266 0.07 -17.70 20.18
N SER B 267 -1.21 -17.60 19.83
CA SER B 267 -1.73 -17.97 18.50
C SER B 267 -1.35 -16.92 17.46
N VAL B 268 -1.16 -15.67 17.90
CA VAL B 268 -0.89 -14.51 17.00
C VAL B 268 0.08 -13.57 17.71
N PRO B 269 1.33 -14.00 17.93
CA PRO B 269 2.23 -13.24 18.81
C PRO B 269 2.54 -11.84 18.27
N TYR B 270 2.38 -11.64 16.95
CA TYR B 270 2.66 -10.35 16.26
C TYR B 270 1.52 -9.36 16.45
N ASP B 271 0.34 -9.80 16.85
CA ASP B 271 -0.87 -8.92 16.83
C ASP B 271 -0.94 -8.10 18.12
N TRP B 272 -0.36 -6.91 18.10
CA TRP B 272 -0.26 -6.07 19.30
C TRP B 272 -1.63 -5.49 19.69
N ASN B 273 -2.66 -5.72 18.87
CA ASN B 273 -4.04 -5.24 19.18
C ASN B 273 -4.93 -6.39 19.71
N LYS B 274 -4.44 -7.62 19.78
CA LYS B 274 -5.24 -8.81 20.18
C LYS B 274 -5.58 -8.76 21.67
N ASN B 275 -6.88 -8.79 22.02
CA ASN B 275 -7.33 -9.09 23.40
C ASN B 275 -6.65 -8.14 24.42
N ARG B 276 -6.65 -6.83 24.15
CA ARG B 276 -6.09 -5.81 25.06
C ARG B 276 -6.77 -5.94 26.42
N GLY B 277 -5.98 -5.93 27.48
CA GLY B 277 -6.47 -5.91 28.88
C GLY B 277 -6.85 -7.29 29.37
N GLN B 278 -6.82 -8.31 28.53
CA GLN B 278 -7.16 -9.70 28.92
C GLN B 278 -5.86 -10.42 29.27
N ILE B 279 -5.51 -10.45 30.55
CA ILE B 279 -4.14 -10.85 31.00
C ILE B 279 -4.00 -12.36 30.97
N ASP B 280 -2.88 -12.83 30.44
CA ASP B 280 -2.51 -14.25 30.56
C ASP B 280 -0.99 -14.33 30.60
N MET B 281 -0.42 -14.39 31.79
CA MET B 281 1.04 -14.53 31.99
C MET B 281 1.53 -15.84 31.42
N ASP B 282 0.75 -16.91 31.60
CA ASP B 282 1.19 -18.27 31.21
C ASP B 282 1.29 -18.36 29.68
N GLU B 283 0.42 -17.68 28.95
CA GLU B 283 0.46 -17.70 27.46
C GLU B 283 1.85 -17.20 26.98
N GLN B 284 2.29 -16.08 27.51
CA GLN B 284 3.63 -15.52 27.15
C GLN B 284 4.72 -16.50 27.57
N ARG B 285 4.64 -17.07 28.78
CA ARG B 285 5.62 -18.04 29.25
C ARG B 285 5.71 -19.22 28.25
N VAL B 286 4.58 -19.80 27.88
CA VAL B 286 4.56 -20.99 26.99
C VAL B 286 5.19 -20.66 25.62
N PHE B 287 4.93 -19.46 25.10
CA PHE B 287 5.52 -19.00 23.82
C PHE B 287 7.05 -19.08 23.95
N TYR B 288 7.61 -18.48 25.00
CA TYR B 288 9.07 -18.41 25.17
C TYR B 288 9.66 -19.82 25.33
N GLU B 289 8.96 -20.66 26.10
CA GLU B 289 9.55 -21.99 26.35
C GLU B 289 9.63 -22.75 25.02
N GLU B 290 8.61 -22.58 24.19
CA GLU B 290 8.61 -23.37 22.93
C GLU B 290 9.66 -22.80 21.98
N MET B 291 9.74 -21.48 21.91
CA MET B 291 10.71 -20.84 21.00
C MET B 291 12.13 -21.31 21.34
N PHE B 292 12.48 -21.28 22.62
CA PHE B 292 13.84 -21.69 23.03
C PHE B 292 14.04 -23.20 22.91
N LYS B 293 12.97 -23.98 22.98
CA LYS B 293 13.08 -25.44 22.83
C LYS B 293 13.63 -25.74 21.43
N PHE B 294 13.19 -25.00 20.43
CA PHE B 294 13.51 -25.33 19.01
C PHE B 294 14.63 -24.47 18.48
N PHE B 295 14.79 -23.24 18.98
CA PHE B 295 15.88 -22.35 18.55
C PHE B 295 16.78 -22.05 19.75
N HIS B 296 17.96 -22.63 19.73
CA HIS B 296 18.85 -22.61 20.90
C HIS B 296 20.26 -22.39 20.39
N GLY B 297 21.06 -23.43 20.34
CA GLY B 297 22.50 -23.30 20.14
C GLY B 297 22.98 -23.80 18.80
N GLN B 298 22.09 -24.12 17.86
CA GLN B 298 22.48 -24.59 16.51
C GLN B 298 23.58 -23.68 15.93
N LYS B 299 24.60 -24.26 15.29
CA LYS B 299 25.80 -23.48 14.91
C LYS B 299 25.45 -22.44 13.83
N TRP B 300 24.35 -22.62 13.10
CA TRP B 300 23.96 -21.69 12.00
C TRP B 300 23.13 -20.52 12.56
N PHE B 301 22.75 -20.59 13.84
CA PHE B 301 21.79 -19.65 14.47
C PHE B 301 22.53 -18.79 15.48
N TYR B 302 22.21 -17.49 15.52
CA TYR B 302 22.99 -16.51 16.30
C TYR B 302 22.10 -15.74 17.27
N GLY B 303 20.94 -16.32 17.66
CA GLY B 303 20.21 -15.90 18.86
C GLY B 303 19.11 -14.90 18.60
N PHE B 304 18.85 -14.07 19.61
CA PHE B 304 17.55 -13.38 19.78
C PHE B 304 17.75 -11.96 20.24
N MET B 305 17.12 -11.05 19.54
CA MET B 305 16.84 -9.68 19.97
C MET B 305 15.35 -9.64 20.30
N LEU B 306 15.02 -9.74 21.58
CA LEU B 306 13.62 -9.86 22.00
C LEU B 306 12.87 -8.53 21.94
N TRP B 307 11.56 -8.63 21.90
CA TRP B 307 10.63 -7.49 21.80
C TRP B 307 9.68 -7.55 22.98
N ASP B 308 9.62 -6.48 23.82
CA ASP B 308 10.50 -5.33 23.86
C ASP B 308 10.43 -4.78 25.30
N TRP B 309 11.09 -3.65 25.52
CA TRP B 309 11.25 -3.07 26.87
C TRP B 309 11.12 -1.57 26.78
N PRO B 310 10.12 -0.97 27.45
CA PRO B 310 9.86 0.46 27.29
C PRO B 310 10.83 1.34 28.05
N ALA B 311 11.02 2.58 27.57
CA ALA B 311 11.85 3.58 28.27
C ALA B 311 11.28 3.87 29.66
N LYS B 312 9.97 3.96 29.79
CA LYS B 312 9.30 4.12 31.11
C LYS B 312 8.67 2.81 31.51
N LEU B 313 9.26 2.16 32.49
CA LEU B 313 8.91 0.80 32.88
C LEU B 313 7.85 0.87 33.97
N TYR B 314 6.81 0.07 33.85
CA TYR B 314 5.77 -0.06 34.89
C TYR B 314 6.41 -0.57 36.18
N ARG B 315 5.73 -0.27 37.29
CA ARG B 315 6.11 -0.77 38.62
C ARG B 315 5.97 -2.29 38.66
N LEU B 316 6.90 -2.94 39.33
CA LEU B 316 6.89 -4.39 39.54
C LEU B 316 5.52 -4.83 40.08
N GLU B 317 4.92 -4.04 40.97
CA GLU B 317 3.63 -4.38 41.62
C GLU B 317 2.50 -4.42 40.57
N ASP B 318 2.69 -3.78 39.40
CA ASP B 318 1.66 -3.66 38.35
C ASP B 318 1.89 -4.72 37.25
N ALA B 319 2.94 -5.53 37.36
CA ALA B 319 3.37 -6.43 36.26
C ALA B 319 2.27 -7.44 35.98
N SER B 320 1.62 -7.99 37.02
CA SER B 320 0.68 -9.13 36.84
C SER B 320 -0.62 -8.65 36.19
N GLU B 321 -0.81 -7.34 36.03
CA GLU B 321 -1.98 -6.74 35.32
C GLU B 321 -1.56 -6.04 34.03
N ASN B 322 -0.30 -6.21 33.60
CA ASN B 322 0.24 -5.53 32.40
C ASN B 322 0.12 -6.46 31.18
N ASP B 323 -0.37 -5.94 30.06
CA ASP B 323 -0.73 -6.74 28.88
C ASP B 323 0.31 -6.55 27.78
N ASP B 324 1.45 -5.94 28.08
CA ASP B 324 2.44 -5.56 27.03
C ASP B 324 3.27 -6.77 26.62
N TYR B 325 4.09 -6.60 25.59
CA TYR B 325 5.17 -7.53 25.22
C TYR B 325 6.20 -7.65 26.34
N CYS B 326 6.42 -6.57 27.10
CA CYS B 326 7.47 -6.55 28.14
C CYS B 326 7.32 -7.77 29.08
N VAL B 327 8.42 -8.40 29.45
CA VAL B 327 8.44 -9.59 30.34
C VAL B 327 8.72 -9.16 31.80
N TYR B 328 9.07 -7.91 32.07
CA TYR B 328 9.42 -7.45 33.43
C TYR B 328 8.34 -7.88 34.41
N GLY B 329 8.74 -8.60 35.46
CA GLY B 329 7.84 -8.99 36.55
C GLY B 329 6.96 -10.17 36.19
N LYS B 330 7.20 -10.81 35.05
CA LYS B 330 6.33 -11.89 34.56
C LYS B 330 7.13 -13.17 34.46
N PRO B 331 6.46 -14.34 34.48
CA PRO B 331 7.16 -15.62 34.46
C PRO B 331 8.05 -15.81 33.24
N ALA B 332 7.67 -15.22 32.11
CA ALA B 332 8.51 -15.32 30.89
C ALA B 332 9.90 -14.75 31.12
N ALA B 333 10.07 -13.76 31.99
CA ALA B 333 11.40 -13.19 32.27
C ALA B 333 12.31 -14.30 32.81
N GLU B 334 11.76 -15.21 33.60
CA GLU B 334 12.59 -16.27 34.21
C GLU B 334 12.96 -17.34 33.17
N VAL B 335 12.11 -17.57 32.19
CA VAL B 335 12.46 -18.45 31.06
C VAL B 335 13.65 -17.83 30.31
N ILE B 336 13.54 -16.57 29.97
CA ILE B 336 14.62 -15.84 29.26
C ILE B 336 15.93 -15.86 30.05
N LYS B 337 15.88 -15.53 31.34
CA LYS B 337 17.12 -15.48 32.17
C LYS B 337 17.75 -16.86 32.24
N SER B 338 16.97 -17.93 32.44
CA SER B 338 17.52 -19.30 32.53
C SER B 338 18.06 -19.69 31.16
N PHE B 339 17.49 -19.20 30.07
CA PHE B 339 18.02 -19.57 28.74
C PHE B 339 19.35 -18.85 28.50
N PHE B 340 19.38 -17.55 28.74
CA PHE B 340 20.56 -16.71 28.46
C PHE B 340 21.73 -17.04 29.39
N THR B 341 21.49 -17.55 30.61
CA THR B 341 22.59 -17.87 31.55
C THR B 341 22.95 -19.35 31.49
N SER B 342 22.27 -20.16 30.65
CA SER B 342 22.52 -21.60 30.55
C SER B 342 23.85 -21.82 29.83
N ASN B 343 24.61 -22.83 30.24
CA ASN B 343 25.98 -23.03 29.72
C ASN B 343 25.98 -23.18 28.19
N LYS B 344 25.05 -23.93 27.60
CA LYS B 344 25.03 -24.18 26.13
C LYS B 344 24.93 -22.81 25.39
N ILE B 345 24.16 -21.87 25.91
CA ILE B 345 23.95 -20.54 25.27
C ILE B 345 25.07 -19.59 25.67
N ALA B 346 25.42 -19.59 26.94
CA ALA B 346 26.46 -18.68 27.44
C ALA B 346 27.81 -18.93 26.75
N LYS B 347 28.09 -20.16 26.34
CA LYS B 347 29.35 -20.53 25.63
C LYS B 347 29.33 -20.16 24.15
N ARG B 348 28.15 -19.98 23.55
CA ARG B 348 28.10 -19.58 22.13
C ARG B 348 28.70 -18.16 22.01
#